data_8ISN
#
_entry.id   8ISN
#
_cell.length_a   161.400
_cell.length_b   166.130
_cell.length_c   180.530
_cell.angle_alpha   90.000
_cell.angle_beta   90.000
_cell.angle_gamma   90.000
#
_symmetry.space_group_name_H-M   'F 2 2 2'
#
loop_
_entity.id
_entity.type
_entity.pdbx_description
1 polymer 'MHC class I antigen'
2 polymer Beta-2-microglobulin
3 polymer CYS-TYR-THR-TRP-ASN-GLN-MET-ASN-LEU
4 branched alpha-D-mannopyranose-(1-3)-beta-D-mannopyranose-(1-4)-2-acetamido-2-deoxy-beta-D-glucopyranose-(1-4)-2-acetamido-2-deoxy-beta-D-glucopyranose
5 non-polymer GLYCEROL
6 water water
#
loop_
_entity_poly.entity_id
_entity_poly.type
_entity_poly.pdbx_seq_one_letter_code
_entity_poly.pdbx_strand_id
1 'polypeptide(L)'
;GSHSMRYFSTSVSRPGRGEPRFIAVGYVDDTQFVRFDSDAASQRMEPRAPWIEQEGPEYWDEETGKVKAHSQTDRENLRI
ALRYYNQSEAGSHTLQMMFGCDVGSDGRFLRGYHQYAYDGKDYIALKEDLRSWTAADMAAQITKRKWEAAHVAEQQRAYL
EGTCVDGLRRYLENGKETLQRTDPPKTHMTHHPISDHEATLRCWALGFYPAEITLTWQRDGEDQTQDTELVETRPAGDGT
FQKWAAVVVPSGEEQRYTCHVQHEGLPKPLTLRWEPGASGDYKDDDDKGGGGLNDIFEAQKIEWH
;
A,D
2 'polypeptide(L)'
;IQRTPKIQVYSRHPAENGKSNFLNCYVSGFHPSDIEVDLLKNGERIEKVEHSDLSFSKDWSFYLLYYTEFTPTEKDEYAC
RVNHVTLSQPKIVKWDRDM
;
B,E
3 'polypeptide(L)' CYTWNQMNL C,F
#
# COMPACT_ATOMS: atom_id res chain seq x y z
N GLY A 1 12.57 -8.74 30.43
CA GLY A 1 12.09 -10.05 30.04
C GLY A 1 11.64 -10.11 28.58
N SER A 2 10.93 -11.16 28.23
CA SER A 2 10.43 -11.31 26.87
C SER A 2 9.29 -10.32 26.60
N HIS A 3 9.09 -10.01 25.32
CA HIS A 3 8.05 -9.09 24.91
C HIS A 3 7.49 -9.54 23.56
N SER A 4 6.35 -8.96 23.20
CA SER A 4 5.65 -9.32 21.99
C SER A 4 5.06 -8.08 21.33
N MET A 5 4.81 -8.19 20.02
CA MET A 5 4.10 -7.16 19.28
C MET A 5 3.12 -7.84 18.34
N ARG A 6 1.88 -7.33 18.31
CA ARG A 6 0.81 -7.97 17.56
C ARG A 6 -0.03 -6.92 16.84
N TYR A 7 -0.56 -7.30 15.69
CA TYR A 7 -1.60 -6.55 15.01
C TYR A 7 -2.78 -7.46 14.76
N PHE A 8 -3.99 -6.96 15.04
CA PHE A 8 -5.22 -7.72 14.84
C PHE A 8 -6.14 -6.91 13.93
N SER A 9 -6.47 -7.45 12.77
CA SER A 9 -7.37 -6.80 11.83
C SER A 9 -8.64 -7.63 11.66
N THR A 10 -9.74 -6.93 11.34
CA THR A 10 -11.05 -7.56 11.17
C THR A 10 -11.79 -6.86 10.04
N SER A 11 -12.25 -7.63 9.06
CA SER A 11 -13.04 -7.12 7.95
C SER A 11 -14.38 -7.84 7.93
N VAL A 12 -15.46 -7.08 8.13
CA VAL A 12 -16.81 -7.62 8.12
C VAL A 12 -17.56 -7.04 6.92
N SER A 13 -17.92 -7.91 5.99
CA SER A 13 -18.69 -7.44 4.85
C SER A 13 -20.14 -7.17 5.25
N ARG A 14 -20.81 -6.35 4.45
CA ARG A 14 -22.19 -5.93 4.71
C ARG A 14 -22.86 -5.63 3.39
N PRO A 15 -23.19 -6.67 2.61
CA PRO A 15 -23.72 -6.46 1.26
C PRO A 15 -24.93 -5.55 1.26
N GLY A 16 -24.90 -4.54 0.39
CA GLY A 16 -25.94 -3.55 0.30
C GLY A 16 -25.76 -2.34 1.19
N ARG A 17 -24.83 -2.39 2.14
CA ARG A 17 -24.58 -1.28 3.06
C ARG A 17 -23.17 -0.72 2.92
N GLY A 18 -22.54 -0.91 1.77
CA GLY A 18 -21.28 -0.27 1.45
C GLY A 18 -20.11 -1.23 1.48
N GLU A 19 -18.91 -0.64 1.49
CA GLU A 19 -17.68 -1.42 1.57
C GLU A 19 -17.62 -2.17 2.90
N PRO A 20 -16.87 -3.27 2.95
CA PRO A 20 -16.69 -3.97 4.22
C PRO A 20 -16.04 -3.08 5.26
N ARG A 21 -16.48 -3.24 6.51
CA ARG A 21 -15.91 -2.48 7.63
C ARG A 21 -14.57 -3.11 8.03
N PHE A 22 -13.52 -2.31 8.03
CA PHE A 22 -12.19 -2.77 8.40
C PHE A 22 -11.75 -2.08 9.69
N ILE A 23 -11.26 -2.88 10.64
CA ILE A 23 -10.74 -2.36 11.90
C ILE A 23 -9.44 -3.09 12.21
N ALA A 24 -8.40 -2.34 12.56
CA ALA A 24 -7.12 -2.91 12.93
C ALA A 24 -6.64 -2.26 14.23
N VAL A 25 -5.93 -3.04 15.04
CA VAL A 25 -5.39 -2.58 16.32
C VAL A 25 -4.00 -3.17 16.49
N GLY A 26 -3.12 -2.40 17.11
CA GLY A 26 -1.75 -2.83 17.37
C GLY A 26 -1.48 -2.87 18.86
N TYR A 27 -0.70 -3.86 19.28
CA TYR A 27 -0.40 -4.08 20.69
C TYR A 27 1.10 -4.30 20.90
N VAL A 28 1.60 -3.79 22.01
CA VAL A 28 2.89 -4.19 22.57
C VAL A 28 2.59 -4.83 23.92
N ASP A 29 2.81 -6.13 24.01
CA ASP A 29 2.42 -6.94 25.17
C ASP A 29 0.90 -6.77 25.33
N ASP A 30 0.40 -6.35 26.49
CA ASP A 30 -1.02 -6.12 26.71
C ASP A 30 -1.39 -4.66 26.64
N THR A 31 -0.63 -3.86 25.87
CA THR A 31 -0.84 -2.42 25.75
C THR A 31 -1.11 -2.07 24.30
N GLN A 32 -2.31 -1.59 24.01
CA GLN A 32 -2.66 -1.12 22.68
C GLN A 32 -2.07 0.28 22.45
N PHE A 33 -1.55 0.51 21.25
CA PHE A 33 -0.92 1.79 20.94
C PHE A 33 -1.37 2.44 19.64
N VAL A 34 -2.00 1.70 18.71
CA VAL A 34 -2.52 2.28 17.48
C VAL A 34 -3.83 1.60 17.11
N ARG A 35 -4.58 2.28 16.24
CA ARG A 35 -5.82 1.73 15.74
C ARG A 35 -6.06 2.30 14.34
N PHE A 36 -6.87 1.58 13.56
CA PHE A 36 -7.39 2.09 12.29
C PHE A 36 -8.81 1.58 12.11
N ASP A 37 -9.73 2.52 11.86
CA ASP A 37 -11.14 2.22 11.63
C ASP A 37 -11.53 2.82 10.28
N SER A 38 -11.88 1.95 9.33
CA SER A 38 -12.20 2.43 7.99
C SER A 38 -13.47 3.27 7.95
N ASP A 39 -14.28 3.27 9.02
CA ASP A 39 -15.46 4.11 9.10
C ASP A 39 -15.23 5.39 9.89
N ALA A 40 -14.06 5.56 10.50
CA ALA A 40 -13.76 6.79 11.22
C ALA A 40 -13.48 7.92 10.24
N ALA A 41 -13.60 9.15 10.74
CA ALA A 41 -13.50 10.32 9.86
C ALA A 41 -12.07 10.58 9.43
N SER A 42 -11.10 10.33 10.32
CA SER A 42 -9.72 10.72 10.05
C SER A 42 -9.14 10.00 8.84
N GLN A 43 -9.53 8.73 8.63
CA GLN A 43 -8.94 7.89 7.59
C GLN A 43 -7.43 7.76 7.76
N ARG A 44 -6.99 7.72 9.02
CA ARG A 44 -5.58 7.69 9.36
C ARG A 44 -5.35 6.65 10.45
N MET A 45 -4.13 6.11 10.49
CA MET A 45 -3.72 5.29 11.62
C MET A 45 -3.58 6.19 12.85
N GLU A 46 -4.47 6.01 13.84
CA GLU A 46 -4.47 6.92 14.97
C GLU A 46 -3.68 6.36 16.15
N PRO A 47 -3.06 7.21 16.95
CA PRO A 47 -2.34 6.73 18.14
C PRO A 47 -3.29 6.45 19.29
N ARG A 48 -2.92 5.46 20.11
CA ARG A 48 -3.73 5.06 21.26
C ARG A 48 -2.94 4.94 22.54
N ALA A 49 -1.64 5.22 22.52
CA ALA A 49 -0.81 5.23 23.71
C ALA A 49 0.02 6.51 23.73
N PRO A 50 0.38 7.01 24.92
CA PRO A 50 1.12 8.28 24.98
C PRO A 50 2.50 8.21 24.34
N TRP A 51 3.18 7.07 24.44
CA TRP A 51 4.55 6.94 23.96
C TRP A 51 4.66 6.81 22.45
N ILE A 52 3.55 6.81 21.72
CA ILE A 52 3.56 6.72 20.27
C ILE A 52 3.18 8.03 19.60
N GLU A 53 2.59 8.98 20.33
CA GLU A 53 2.21 10.26 19.73
C GLU A 53 3.42 11.09 19.33
N GLN A 54 4.60 10.81 19.89
CA GLN A 54 5.81 11.53 19.53
C GLN A 54 6.28 11.22 18.11
N GLU A 55 5.70 10.22 17.46
CA GLU A 55 6.12 9.88 16.10
C GLU A 55 5.69 10.96 15.13
N GLY A 56 6.57 11.25 14.17
CA GLY A 56 6.35 12.31 13.22
C GLY A 56 5.29 11.95 12.19
N PRO A 57 4.89 12.93 11.37
CA PRO A 57 3.88 12.66 10.35
C PRO A 57 4.37 11.73 9.26
N GLU A 58 5.68 11.57 9.11
CA GLU A 58 6.22 10.59 8.17
C GLU A 58 5.87 9.17 8.60
N TYR A 59 5.97 8.89 9.90
CA TYR A 59 5.55 7.59 10.43
C TYR A 59 4.07 7.35 10.15
N TRP A 60 3.23 8.35 10.43
CA TRP A 60 1.79 8.17 10.26
C TRP A 60 1.40 8.05 8.80
N ASP A 61 2.13 8.70 7.89
CA ASP A 61 1.88 8.50 6.47
C ASP A 61 2.20 7.09 6.05
N GLU A 62 3.31 6.55 6.56
CA GLU A 62 3.72 5.19 6.20
C GLU A 62 2.73 4.16 6.74
N GLU A 63 2.34 4.30 8.01
CA GLU A 63 1.43 3.32 8.61
C GLU A 63 0.03 3.43 8.04
N THR A 64 -0.44 4.65 7.79
CA THR A 64 -1.76 4.82 7.18
C THR A 64 -1.79 4.20 5.78
N GLY A 65 -0.69 4.33 5.04
CA GLY A 65 -0.65 3.75 3.71
C GLY A 65 -0.66 2.23 3.73
N LYS A 66 0.11 1.63 4.64
CA LYS A 66 0.16 0.18 4.71
C LYS A 66 -1.18 -0.41 5.16
N VAL A 67 -1.84 0.24 6.12
CA VAL A 67 -3.08 -0.32 6.66
C VAL A 67 -4.25 -0.07 5.70
N LYS A 68 -4.19 1.00 4.90
CA LYS A 68 -5.20 1.20 3.86
C LYS A 68 -5.09 0.13 2.79
N ALA A 69 -3.86 -0.22 2.40
CA ALA A 69 -3.65 -1.26 1.40
C ALA A 69 -4.14 -2.60 1.90
N HIS A 70 -3.86 -2.92 3.17
CA HIS A 70 -4.38 -4.14 3.76
C HIS A 70 -5.90 -4.16 3.75
N SER A 71 -6.53 -3.03 4.05
CA SER A 71 -7.99 -2.95 4.07
C SER A 71 -8.58 -3.27 2.70
N GLN A 72 -7.95 -2.80 1.63
CA GLN A 72 -8.45 -3.07 0.29
C GLN A 72 -8.12 -4.48 -0.17
N THR A 73 -7.02 -5.06 0.32
CA THR A 73 -6.71 -6.45 0.00
C THR A 73 -7.71 -7.39 0.65
N ASP A 74 -8.04 -7.16 1.93
CA ASP A 74 -9.07 -7.96 2.59
C ASP A 74 -10.44 -7.76 1.95
N ARG A 75 -10.66 -6.61 1.31
CA ARG A 75 -11.92 -6.38 0.61
C ARG A 75 -12.07 -7.33 -0.58
N GLU A 76 -11.02 -7.48 -1.38
CA GLU A 76 -11.07 -8.44 -2.48
C GLU A 76 -10.86 -9.88 -2.02
N ASN A 77 -10.22 -10.08 -0.87
CA ASN A 77 -10.11 -11.43 -0.31
C ASN A 77 -11.47 -11.95 0.18
N LEU A 78 -12.37 -11.06 0.59
CA LEU A 78 -13.70 -11.50 0.99
C LEU A 78 -14.50 -11.99 -0.21
N ARG A 79 -14.33 -11.35 -1.37
CA ARG A 79 -14.99 -11.83 -2.58
C ARG A 79 -14.44 -13.19 -3.01
N ILE A 80 -13.13 -13.39 -2.87
CA ILE A 80 -12.51 -14.65 -3.27
C ILE A 80 -13.04 -15.79 -2.41
N ALA A 81 -13.16 -15.56 -1.10
CA ALA A 81 -13.69 -16.59 -0.21
C ALA A 81 -15.10 -17.00 -0.59
N LEU A 82 -15.89 -16.08 -1.15
CA LEU A 82 -17.23 -16.43 -1.61
C LEU A 82 -17.17 -17.46 -2.73
N ARG A 83 -16.28 -17.24 -3.71
CA ARG A 83 -16.13 -18.22 -4.79
C ARG A 83 -15.60 -19.54 -4.27
N TYR A 84 -14.64 -19.50 -3.33
CA TYR A 84 -14.05 -20.73 -2.82
C TYR A 84 -15.08 -21.59 -2.10
N TYR A 85 -15.89 -20.97 -1.22
CA TYR A 85 -16.85 -21.70 -0.42
C TYR A 85 -18.24 -21.75 -1.04
N ASN A 86 -18.41 -21.21 -2.25
CA ASN A 86 -19.70 -21.26 -2.96
C ASN A 86 -20.79 -20.59 -2.13
N GLN A 87 -20.45 -19.50 -1.45
CA GLN A 87 -21.39 -18.77 -0.62
C GLN A 87 -22.01 -17.61 -1.41
N SER A 88 -23.20 -17.19 -0.97
CA SER A 88 -23.95 -16.16 -1.68
C SER A 88 -23.34 -14.78 -1.43
N GLU A 89 -23.76 -13.82 -2.26
CA GLU A 89 -23.25 -12.46 -2.18
C GLU A 89 -24.08 -11.58 -1.24
N ALA A 90 -25.09 -12.14 -0.57
CA ALA A 90 -25.92 -11.38 0.36
C ALA A 90 -25.51 -11.55 1.80
N GLY A 91 -24.70 -12.57 2.12
CA GLY A 91 -24.33 -12.82 3.50
C GLY A 91 -23.19 -11.95 3.97
N SER A 92 -23.18 -11.70 5.28
CA SER A 92 -22.12 -10.94 5.93
C SER A 92 -21.09 -11.92 6.49
N HIS A 93 -19.84 -11.76 6.09
CA HIS A 93 -18.77 -12.66 6.50
C HIS A 93 -17.64 -11.88 7.15
N THR A 94 -16.76 -12.60 7.84
CA THR A 94 -15.67 -12.02 8.60
C THR A 94 -14.34 -12.59 8.13
N LEU A 95 -13.38 -11.72 7.88
CA LEU A 95 -12.00 -12.10 7.62
C LEU A 95 -11.12 -11.46 8.68
N GLN A 96 -10.43 -12.28 9.47
CA GLN A 96 -9.57 -11.82 10.55
C GLN A 96 -8.12 -12.15 10.25
N MET A 97 -7.21 -11.35 10.79
CA MET A 97 -5.79 -11.56 10.55
C MET A 97 -5.00 -11.10 11.76
N MET A 98 -3.95 -11.85 12.08
CA MET A 98 -3.00 -11.50 13.13
C MET A 98 -1.58 -11.69 12.61
N PHE A 99 -0.72 -10.73 12.89
CA PHE A 99 0.70 -10.86 12.57
C PHE A 99 1.53 -10.13 13.62
N GLY A 100 2.75 -10.59 13.81
CA GLY A 100 3.63 -9.98 14.79
C GLY A 100 4.82 -10.88 15.09
N CYS A 101 5.58 -10.47 16.10
CA CYS A 101 6.81 -11.15 16.45
C CYS A 101 6.98 -11.18 17.97
N ASP A 102 7.83 -12.09 18.44
CA ASP A 102 8.19 -12.21 19.85
C ASP A 102 9.70 -12.03 19.97
N VAL A 103 10.14 -11.17 20.90
CA VAL A 103 11.55 -10.96 21.16
C VAL A 103 11.87 -11.39 22.58
N GLY A 104 13.13 -11.75 22.80
CA GLY A 104 13.60 -12.17 24.12
C GLY A 104 14.01 -10.99 24.98
N SER A 105 14.57 -11.33 26.15
CA SER A 105 15.00 -10.29 27.10
C SER A 105 16.10 -9.42 26.50
N ASP A 106 16.87 -9.95 25.56
CA ASP A 106 17.93 -9.21 24.90
C ASP A 106 17.47 -8.47 23.66
N GLY A 107 16.34 -8.88 23.07
CA GLY A 107 15.86 -8.30 21.83
C GLY A 107 15.97 -9.20 20.63
N ARG A 108 16.45 -10.43 20.79
CA ARG A 108 16.60 -11.34 19.66
C ARG A 108 15.25 -11.91 19.24
N PHE A 109 15.15 -12.22 17.95
CA PHE A 109 13.91 -12.74 17.39
C PHE A 109 13.65 -14.17 17.84
N LEU A 110 12.47 -14.41 18.41
CA LEU A 110 12.08 -15.73 18.91
C LEU A 110 11.09 -16.42 17.99
N ARG A 111 9.96 -15.78 17.68
CA ARG A 111 8.95 -16.38 16.83
C ARG A 111 8.24 -15.28 16.04
N GLY A 112 7.73 -15.66 14.88
CA GLY A 112 6.94 -14.74 14.06
C GLY A 112 5.63 -15.38 13.67
N TYR A 113 4.63 -14.51 13.43
CA TYR A 113 3.28 -14.97 13.19
C TYR A 113 2.67 -14.23 12.00
N HIS A 114 1.75 -14.91 11.32
CA HIS A 114 1.06 -14.38 10.16
C HIS A 114 -0.09 -15.32 9.80
N GLN A 115 -1.29 -15.03 10.29
CA GLN A 115 -2.39 -15.98 10.27
C GLN A 115 -3.67 -15.33 9.77
N TYR A 116 -4.51 -16.14 9.12
CA TYR A 116 -5.80 -15.72 8.60
C TYR A 116 -6.90 -16.60 9.18
N ALA A 117 -8.07 -16.00 9.35
CA ALA A 117 -9.26 -16.73 9.79
C ALA A 117 -10.47 -16.22 9.03
N TYR A 118 -11.31 -17.15 8.56
CA TYR A 118 -12.53 -16.82 7.85
C TYR A 118 -13.72 -17.32 8.65
N ASP A 119 -14.62 -16.39 8.99
CA ASP A 119 -15.84 -16.70 9.75
C ASP A 119 -15.52 -17.40 11.06
N GLY A 120 -14.42 -16.99 11.71
CA GLY A 120 -14.07 -17.48 13.02
C GLY A 120 -13.25 -18.76 13.06
N LYS A 121 -13.01 -19.39 11.91
CA LYS A 121 -12.24 -20.62 11.83
C LYS A 121 -10.90 -20.37 11.15
N ASP A 122 -9.91 -21.19 11.52
CA ASP A 122 -8.59 -21.10 10.91
C ASP A 122 -8.68 -21.23 9.40
N TYR A 123 -7.88 -20.43 8.69
CA TYR A 123 -7.77 -20.55 7.25
C TYR A 123 -6.37 -20.97 6.87
N ILE A 124 -5.42 -20.04 6.89
CA ILE A 124 -4.02 -20.32 6.59
C ILE A 124 -3.16 -19.66 7.66
N ALA A 125 -1.98 -20.23 7.90
CA ALA A 125 -1.10 -19.74 8.95
C ALA A 125 0.35 -20.05 8.60
N LEU A 126 1.23 -19.07 8.82
CA LEU A 126 2.65 -19.27 8.58
C LEU A 126 3.22 -20.18 9.66
N LYS A 127 3.86 -21.28 9.24
CA LYS A 127 4.43 -22.22 10.18
C LYS A 127 5.67 -21.61 10.85
N GLU A 128 6.17 -22.31 11.87
CA GLU A 128 7.31 -21.82 12.62
C GLU A 128 8.58 -21.75 11.78
N ASP A 129 8.67 -22.52 10.70
CA ASP A 129 9.84 -22.44 9.83
C ASP A 129 9.87 -21.18 8.97
N LEU A 130 8.86 -20.32 9.10
CA LEU A 130 8.81 -19.04 8.39
C LEU A 130 8.90 -19.22 6.88
N ARG A 131 8.38 -20.34 6.36
CA ARG A 131 8.58 -20.66 4.95
C ARG A 131 7.38 -21.40 4.36
N SER A 132 6.67 -22.17 5.19
CA SER A 132 5.54 -22.96 4.73
C SER A 132 4.28 -22.60 5.50
N TRP A 133 3.14 -22.94 4.91
CA TRP A 133 1.84 -22.53 5.42
C TRP A 133 1.02 -23.74 5.85
N THR A 134 0.25 -23.57 6.93
CA THR A 134 -0.71 -24.58 7.38
C THR A 134 -2.07 -24.23 6.77
N ALA A 135 -2.46 -24.98 5.75
CA ALA A 135 -3.78 -24.82 5.13
C ALA A 135 -4.78 -25.67 5.89
N ALA A 136 -5.86 -25.04 6.35
CA ALA A 136 -6.80 -25.68 7.26
C ALA A 136 -7.92 -26.45 6.55
N ASP A 137 -8.19 -26.16 5.28
CA ASP A 137 -9.22 -26.89 4.53
C ASP A 137 -8.85 -26.88 3.06
N MET A 138 -9.77 -27.37 2.22
CA MET A 138 -9.51 -27.43 0.79
C MET A 138 -9.37 -26.05 0.17
N ALA A 139 -10.12 -25.06 0.67
CA ALA A 139 -10.03 -23.72 0.11
C ALA A 139 -8.69 -23.08 0.44
N ALA A 140 -8.20 -23.24 1.67
CA ALA A 140 -6.92 -22.67 2.04
C ALA A 140 -5.77 -23.33 1.29
N GLN A 141 -5.95 -24.59 0.86
CA GLN A 141 -4.90 -25.25 0.09
C GLN A 141 -4.75 -24.62 -1.30
N ILE A 142 -5.81 -24.03 -1.84
CA ILE A 142 -5.66 -23.22 -3.04
C ILE A 142 -4.79 -22.00 -2.75
N THR A 143 -5.01 -21.35 -1.60
CA THR A 143 -4.19 -20.21 -1.21
C THR A 143 -2.76 -20.63 -0.92
N LYS A 144 -2.58 -21.79 -0.28
CA LYS A 144 -1.24 -22.27 0.03
C LYS A 144 -0.41 -22.50 -1.23
N ARG A 145 -1.04 -23.04 -2.28
CA ARG A 145 -0.32 -23.21 -3.54
C ARG A 145 0.05 -21.87 -4.16
N LYS A 146 -0.88 -20.92 -4.14
CA LYS A 146 -0.59 -19.60 -4.71
C LYS A 146 0.58 -18.93 -3.99
N TRP A 147 0.58 -18.97 -2.65
CA TRP A 147 1.55 -18.20 -1.90
C TRP A 147 2.92 -18.86 -1.93
N GLU A 148 2.96 -20.18 -1.89
CA GLU A 148 4.24 -20.88 -1.95
C GLU A 148 4.87 -20.81 -3.34
N ALA A 149 4.06 -20.58 -4.37
CA ALA A 149 4.61 -20.36 -5.70
C ALA A 149 5.14 -18.94 -5.86
N ALA A 150 4.44 -17.97 -5.28
CA ALA A 150 4.85 -16.57 -5.31
C ALA A 150 5.83 -16.22 -4.19
N HIS A 151 6.29 -17.22 -3.43
CA HIS A 151 7.25 -17.03 -2.33
C HIS A 151 6.82 -15.88 -1.42
N VAL A 152 5.55 -15.92 -1.02
CA VAL A 152 4.99 -14.88 -0.17
C VAL A 152 5.66 -14.88 1.20
N ALA A 153 6.01 -16.06 1.72
CA ALA A 153 6.58 -16.15 3.05
C ALA A 153 7.93 -15.46 3.16
N GLU A 154 8.66 -15.31 2.05
CA GLU A 154 9.99 -14.72 2.11
C GLU A 154 9.92 -13.25 2.51
N GLN A 155 9.07 -12.47 1.84
CA GLN A 155 8.91 -11.07 2.22
C GLN A 155 8.30 -10.94 3.61
N GLN A 156 7.37 -11.83 3.94
CA GLN A 156 6.75 -11.77 5.25
C GLN A 156 7.74 -12.13 6.36
N ARG A 157 8.70 -13.00 6.07
CA ARG A 157 9.74 -13.32 7.05
C ARG A 157 10.68 -12.15 7.26
N ALA A 158 11.03 -11.45 6.17
CA ALA A 158 11.93 -10.30 6.29
C ALA A 158 11.35 -9.24 7.22
N TYR A 159 10.03 -9.04 7.17
CA TYR A 159 9.39 -8.11 8.10
C TYR A 159 9.44 -8.63 9.53
N LEU A 160 9.13 -9.92 9.72
CA LEU A 160 9.04 -10.47 11.08
C LEU A 160 10.40 -10.46 11.77
N GLU A 161 11.44 -10.90 11.07
CA GLU A 161 12.78 -10.95 11.65
C GLU A 161 13.48 -9.60 11.67
N GLY A 162 12.95 -8.59 10.96
CA GLY A 162 13.61 -7.31 10.87
C GLY A 162 12.78 -6.13 11.31
N THR A 163 11.87 -5.69 10.45
CA THR A 163 11.07 -4.49 10.75
C THR A 163 10.26 -4.67 12.03
N CYS A 164 9.72 -5.87 12.26
CA CYS A 164 8.94 -6.10 13.47
C CYS A 164 9.80 -6.02 14.72
N VAL A 165 10.96 -6.70 14.70
CA VAL A 165 11.85 -6.69 15.85
C VAL A 165 12.39 -5.28 16.10
N ASP A 166 12.70 -4.55 15.03
CA ASP A 166 13.26 -3.21 15.20
C ASP A 166 12.23 -2.25 15.78
N GLY A 167 11.01 -2.27 15.22
CA GLY A 167 9.97 -1.41 15.75
C GLY A 167 9.61 -1.75 17.19
N LEU A 168 9.65 -3.05 17.55
CA LEU A 168 9.34 -3.45 18.92
C LEU A 168 10.39 -2.94 19.89
N ARG A 169 11.67 -3.05 19.53
CA ARG A 169 12.73 -2.50 20.37
C ARG A 169 12.61 -0.98 20.48
N ARG A 170 12.21 -0.33 19.38
CA ARG A 170 12.02 1.11 19.39
C ARG A 170 10.83 1.50 20.26
N TYR A 171 9.76 0.70 20.26
CA TYR A 171 8.59 1.02 21.07
C TYR A 171 8.86 0.78 22.55
N LEU A 172 9.55 -0.32 22.87
CA LEU A 172 9.87 -0.60 24.27
C LEU A 172 10.74 0.49 24.87
N GLU A 173 11.57 1.14 24.06
CA GLU A 173 12.41 2.23 24.56
C GLU A 173 11.59 3.48 24.82
N ASN A 174 10.81 3.92 23.83
CA ASN A 174 10.06 5.16 23.96
C ASN A 174 9.04 5.08 25.09
N GLY A 175 8.56 3.88 25.41
CA GLY A 175 7.57 3.72 26.46
C GLY A 175 8.02 2.83 27.60
N LYS A 176 9.31 2.86 27.92
CA LYS A 176 9.83 2.03 29.00
C LYS A 176 9.24 2.39 30.35
N GLU A 177 8.72 3.62 30.50
CA GLU A 177 8.10 3.99 31.76
C GLU A 177 6.82 3.21 32.02
N THR A 178 6.12 2.82 30.96
CA THR A 178 4.91 2.01 31.09
C THR A 178 5.11 0.57 30.64
N LEU A 179 5.68 0.37 29.44
CA LEU A 179 5.72 -0.97 28.87
C LEU A 179 6.61 -1.92 29.65
N GLN A 180 7.62 -1.40 30.35
CA GLN A 180 8.63 -2.23 30.99
C GLN A 180 8.53 -2.25 32.50
N ARG A 181 7.43 -1.74 33.08
CA ARG A 181 7.21 -1.78 34.52
C ARG A 181 6.09 -2.77 34.80
N THR A 182 6.38 -3.78 35.62
CA THR A 182 5.39 -4.76 36.01
C THR A 182 4.74 -4.35 37.32
N ASP A 183 3.40 -4.29 37.32
CA ASP A 183 2.66 -4.00 38.53
C ASP A 183 2.22 -5.31 39.16
N PRO A 184 2.63 -5.60 40.40
CA PRO A 184 2.17 -6.83 41.05
C PRO A 184 0.72 -6.70 41.47
N PRO A 185 -0.02 -7.81 41.56
CA PRO A 185 -1.44 -7.73 41.89
C PRO A 185 -1.66 -7.43 43.37
N LYS A 186 -2.59 -6.51 43.64
CA LYS A 186 -3.07 -6.29 45.00
C LYS A 186 -4.18 -7.30 45.28
N THR A 187 -4.02 -8.09 46.33
CA THR A 187 -4.89 -9.22 46.59
C THR A 187 -5.71 -8.99 47.85
N HIS A 188 -6.97 -9.44 47.82
CA HIS A 188 -7.80 -9.49 49.01
C HIS A 188 -8.77 -10.66 48.85
N MET A 189 -9.51 -10.94 49.93
CA MET A 189 -10.43 -12.07 49.94
C MET A 189 -11.73 -11.67 50.61
N THR A 190 -12.84 -12.14 50.06
CA THR A 190 -14.17 -11.85 50.59
C THR A 190 -14.86 -13.15 51.00
N HIS A 191 -15.90 -13.01 51.83
CA HIS A 191 -16.56 -14.15 52.45
C HIS A 191 -18.07 -13.90 52.41
N HIS A 192 -18.81 -14.80 51.74
CA HIS A 192 -20.25 -14.67 51.57
C HIS A 192 -20.93 -15.97 51.98
N PRO A 193 -21.75 -15.97 53.04
CA PRO A 193 -22.59 -17.14 53.30
C PRO A 193 -23.74 -17.19 52.29
N ILE A 194 -24.03 -18.40 51.81
CA ILE A 194 -25.11 -18.63 50.87
C ILE A 194 -26.28 -19.36 51.51
N SER A 195 -25.99 -20.33 52.37
CA SER A 195 -26.99 -20.92 53.26
C SER A 195 -26.39 -20.93 54.66
N ASP A 196 -27.02 -21.63 55.60
CA ASP A 196 -26.42 -21.76 56.92
C ASP A 196 -25.44 -22.93 57.03
N HIS A 197 -25.16 -23.61 55.91
CA HIS A 197 -24.20 -24.70 55.90
C HIS A 197 -23.18 -24.55 54.78
N GLU A 198 -23.20 -23.45 54.03
CA GLU A 198 -22.22 -23.21 52.97
C GLU A 198 -21.92 -21.73 52.87
N ALA A 199 -20.77 -21.42 52.29
CA ALA A 199 -20.32 -20.05 52.15
C ALA A 199 -19.35 -19.96 50.97
N THR A 200 -19.18 -18.73 50.47
CA THR A 200 -18.33 -18.48 49.30
C THR A 200 -17.07 -17.73 49.73
N LEU A 201 -15.93 -18.20 49.24
CA LEU A 201 -14.66 -17.52 49.38
C LEU A 201 -14.23 -17.03 48.01
N ARG A 202 -14.01 -15.73 47.86
CA ARG A 202 -13.60 -15.14 46.60
C ARG A 202 -12.22 -14.52 46.75
N CYS A 203 -11.30 -14.92 45.87
CA CYS A 203 -9.92 -14.47 45.90
C CYS A 203 -9.70 -13.45 44.79
N TRP A 204 -9.31 -12.24 45.15
CA TRP A 204 -9.21 -11.12 44.22
C TRP A 204 -7.76 -10.80 43.88
N ALA A 205 -7.53 -10.45 42.63
CA ALA A 205 -6.25 -9.91 42.16
C ALA A 205 -6.54 -8.69 41.32
N LEU A 206 -6.01 -7.53 41.72
CA LEU A 206 -6.37 -6.26 41.11
C LEU A 206 -5.14 -5.43 40.79
N GLY A 207 -5.26 -4.65 39.71
CA GLY A 207 -4.26 -3.65 39.38
C GLY A 207 -2.92 -4.18 38.95
N PHE A 208 -2.88 -5.32 38.28
CA PHE A 208 -1.61 -5.92 37.87
C PHE A 208 -1.39 -5.75 36.37
N TYR A 209 -0.10 -5.78 35.98
CA TYR A 209 0.36 -5.72 34.61
C TYR A 209 1.69 -6.44 34.59
N PRO A 210 1.96 -7.31 33.62
CA PRO A 210 1.10 -7.70 32.49
C PRO A 210 -0.08 -8.56 32.91
N ALA A 211 -0.90 -8.96 31.93
CA ALA A 211 -2.17 -9.62 32.22
C ALA A 211 -2.01 -11.07 32.64
N GLU A 212 -0.91 -11.73 32.27
CA GLU A 212 -0.73 -13.14 32.60
C GLU A 212 -0.68 -13.34 34.11
N ILE A 213 -1.59 -14.17 34.62
CA ILE A 213 -1.70 -14.43 36.05
C ILE A 213 -2.33 -15.80 36.23
N THR A 214 -2.09 -16.41 37.39
CA THR A 214 -2.66 -17.72 37.73
C THR A 214 -3.24 -17.65 39.13
N LEU A 215 -4.55 -17.88 39.24
CA LEU A 215 -5.23 -17.98 40.53
C LEU A 215 -5.68 -19.42 40.74
N THR A 216 -5.27 -20.00 41.87
CA THR A 216 -5.57 -21.40 42.17
C THR A 216 -6.04 -21.52 43.61
N TRP A 217 -7.14 -22.24 43.80
CA TRP A 217 -7.63 -22.58 45.13
C TRP A 217 -7.15 -23.97 45.53
N GLN A 218 -6.92 -24.15 46.83
CA GLN A 218 -6.48 -25.43 47.36
C GLN A 218 -7.26 -25.76 48.63
N ARG A 219 -7.62 -27.03 48.77
CA ARG A 219 -8.25 -27.55 49.97
C ARG A 219 -7.32 -28.59 50.58
N ASP A 220 -6.79 -28.28 51.78
CA ASP A 220 -5.83 -29.14 52.47
C ASP A 220 -4.62 -29.44 51.58
N GLY A 221 -4.10 -28.38 50.95
CA GLY A 221 -2.99 -28.50 50.03
C GLY A 221 -3.29 -29.16 48.71
N GLU A 222 -4.55 -29.50 48.44
CA GLU A 222 -4.92 -30.16 47.20
C GLU A 222 -5.61 -29.17 46.27
N ASP A 223 -5.14 -29.09 45.03
CA ASP A 223 -5.78 -28.23 44.03
C ASP A 223 -7.23 -28.63 43.84
N GLN A 224 -8.08 -27.63 43.65
CA GLN A 224 -9.50 -27.89 43.46
C GLN A 224 -9.84 -28.17 42.00
N THR A 225 -9.17 -27.50 41.06
CA THR A 225 -9.41 -27.68 39.62
C THR A 225 -10.87 -27.46 39.30
N GLN A 226 -11.70 -28.48 39.51
CA GLN A 226 -13.14 -28.29 39.50
C GLN A 226 -13.56 -27.56 40.77
N ASP A 227 -14.87 -27.35 40.91
CA ASP A 227 -15.45 -26.70 42.08
C ASP A 227 -14.97 -25.26 42.26
N THR A 228 -14.13 -24.76 41.36
CA THR A 228 -13.58 -23.42 41.44
C THR A 228 -14.12 -22.59 40.28
N GLU A 229 -14.81 -21.50 40.60
CA GLU A 229 -15.33 -20.58 39.60
C GLU A 229 -14.25 -19.58 39.23
N LEU A 230 -13.87 -19.56 37.95
CA LEU A 230 -12.79 -18.73 37.44
C LEU A 230 -13.33 -17.83 36.33
N VAL A 231 -13.08 -16.53 36.45
CA VAL A 231 -13.50 -15.57 35.42
C VAL A 231 -12.30 -15.24 34.54
N GLU A 232 -12.60 -14.87 33.30
CA GLU A 232 -11.56 -14.40 32.39
C GLU A 232 -10.90 -13.15 32.98
N THR A 233 -9.58 -13.05 32.78
CA THR A 233 -8.88 -11.83 33.16
C THR A 233 -9.45 -10.66 32.39
N ARG A 234 -9.81 -9.59 33.11
CA ARG A 234 -10.54 -8.49 32.51
C ARG A 234 -9.76 -7.19 32.63
N PRO A 235 -9.91 -6.27 31.68
CA PRO A 235 -9.24 -4.97 31.78
C PRO A 235 -9.93 -4.08 32.80
N ALA A 236 -9.15 -3.46 33.69
CA ALA A 236 -9.70 -2.49 34.61
C ALA A 236 -10.08 -1.18 33.91
N GLY A 237 -9.48 -0.90 32.75
CA GLY A 237 -9.72 0.33 32.03
C GLY A 237 -8.62 1.35 32.16
N ASP A 238 -7.63 1.10 33.02
CA ASP A 238 -6.52 2.03 33.24
C ASP A 238 -5.18 1.45 32.81
N GLY A 239 -5.18 0.36 32.04
CA GLY A 239 -3.96 -0.32 31.66
C GLY A 239 -3.60 -1.51 32.52
N THR A 240 -4.26 -1.67 33.66
CA THR A 240 -4.07 -2.82 34.53
C THR A 240 -5.23 -3.80 34.36
N PHE A 241 -5.11 -4.96 35.00
CA PHE A 241 -6.05 -6.05 34.80
C PHE A 241 -6.55 -6.58 36.13
N GLN A 242 -7.68 -7.28 36.08
CA GLN A 242 -8.31 -7.88 37.24
C GLN A 242 -8.60 -9.34 36.97
N LYS A 243 -8.77 -10.10 38.05
CA LYS A 243 -9.20 -11.49 38.00
C LYS A 243 -9.60 -11.92 39.39
N TRP A 244 -10.61 -12.77 39.48
CA TRP A 244 -10.95 -13.38 40.75
C TRP A 244 -11.32 -14.84 40.55
N ALA A 245 -11.17 -15.61 41.64
CA ALA A 245 -11.52 -17.02 41.68
C ALA A 245 -12.31 -17.28 42.96
N ALA A 246 -13.45 -17.95 42.84
CA ALA A 246 -14.32 -18.21 43.97
C ALA A 246 -14.48 -19.70 44.18
N VAL A 247 -14.65 -20.10 45.43
CA VAL A 247 -14.88 -21.49 45.80
C VAL A 247 -15.99 -21.53 46.84
N VAL A 248 -16.85 -22.54 46.77
CA VAL A 248 -17.97 -22.70 47.68
C VAL A 248 -17.58 -23.72 48.73
N VAL A 249 -17.61 -23.31 50.00
CA VAL A 249 -17.07 -24.13 51.08
C VAL A 249 -18.17 -24.46 52.09
N PRO A 250 -18.13 -25.63 52.72
CA PRO A 250 -19.03 -25.87 53.87
C PRO A 250 -18.68 -24.95 55.02
N SER A 251 -19.71 -24.52 55.74
CA SER A 251 -19.52 -23.59 56.85
C SER A 251 -18.61 -24.21 57.90
N GLY A 252 -17.74 -23.39 58.48
CA GLY A 252 -16.78 -23.84 59.46
C GLY A 252 -15.50 -24.41 58.90
N GLU A 253 -15.41 -24.62 57.58
CA GLU A 253 -14.23 -25.17 56.93
C GLU A 253 -13.54 -24.14 56.05
N GLU A 254 -13.54 -22.87 56.47
CA GLU A 254 -12.94 -21.83 55.65
C GLU A 254 -11.42 -21.93 55.63
N GLN A 255 -10.80 -22.20 56.78
CA GLN A 255 -9.35 -22.12 56.91
C GLN A 255 -8.63 -23.28 56.25
N ARG A 256 -9.33 -24.34 55.85
CA ARG A 256 -8.68 -25.42 55.12
C ARG A 256 -8.55 -25.12 53.63
N TYR A 257 -8.92 -23.91 53.21
CA TYR A 257 -8.82 -23.48 51.82
C TYR A 257 -7.78 -22.38 51.68
N THR A 258 -6.99 -22.42 50.61
CA THR A 258 -5.97 -21.43 50.35
C THR A 258 -6.02 -21.00 48.88
N CYS A 259 -5.69 -19.74 48.64
CA CYS A 259 -5.59 -19.19 47.29
C CYS A 259 -4.14 -18.86 46.97
N HIS A 260 -3.71 -19.22 45.77
CA HIS A 260 -2.32 -19.09 45.35
C HIS A 260 -2.24 -18.17 44.14
N VAL A 261 -1.46 -17.10 44.26
CA VAL A 261 -1.34 -16.08 43.23
C VAL A 261 0.07 -16.14 42.65
N GLN A 262 0.18 -16.38 41.34
CA GLN A 262 1.44 -16.34 40.62
C GLN A 262 1.41 -15.20 39.62
N HIS A 263 2.42 -14.34 39.67
CA HIS A 263 2.47 -13.20 38.77
C HIS A 263 3.92 -12.79 38.54
N GLU A 264 4.18 -12.22 37.36
CA GLU A 264 5.52 -11.79 37.00
C GLU A 264 6.08 -10.78 37.98
N GLY A 265 5.27 -9.81 38.39
CA GLY A 265 5.67 -8.79 39.32
C GLY A 265 5.71 -9.19 40.78
N LEU A 266 5.44 -10.46 41.08
CA LEU A 266 5.54 -10.96 42.45
C LEU A 266 6.92 -11.56 42.67
N PRO A 267 7.66 -11.12 43.68
CA PRO A 267 8.95 -11.77 43.97
C PRO A 267 8.77 -13.21 44.41
N LYS A 268 7.69 -13.50 45.14
CA LYS A 268 7.37 -14.83 45.62
C LYS A 268 5.87 -15.01 45.46
N PRO A 269 5.43 -16.18 44.98
CA PRO A 269 3.98 -16.41 44.84
C PRO A 269 3.28 -16.35 46.19
N LEU A 270 2.14 -15.69 46.21
CA LEU A 270 1.39 -15.45 47.43
C LEU A 270 0.49 -16.65 47.75
N THR A 271 0.25 -16.84 49.04
CA THR A 271 -0.74 -17.80 49.52
C THR A 271 -1.65 -17.07 50.49
N LEU A 272 -2.96 -17.14 50.23
CA LEU A 272 -3.96 -16.42 51.00
C LEU A 272 -4.86 -17.41 51.72
N ARG A 273 -5.26 -17.06 52.94
CA ARG A 273 -6.09 -17.92 53.76
C ARG A 273 -7.06 -17.05 54.55
N TRP A 274 -8.31 -17.48 54.64
CA TRP A 274 -9.33 -16.72 55.36
C TRP A 274 -9.14 -16.83 56.87
N ILE B 1 -18.66 -20.07 12.22
CA ILE B 1 -19.11 -20.52 13.54
C ILE B 1 -19.67 -19.36 14.33
N GLN B 2 -20.30 -19.66 15.47
CA GLN B 2 -20.88 -18.66 16.34
C GLN B 2 -20.53 -18.98 17.78
N ARG B 3 -19.98 -18.00 18.49
CA ARG B 3 -19.65 -18.14 19.90
C ARG B 3 -20.46 -17.14 20.72
N THR B 4 -20.78 -17.53 21.94
CA THR B 4 -21.65 -16.77 22.82
C THR B 4 -20.82 -15.84 23.70
N PRO B 5 -21.21 -14.58 23.86
CA PRO B 5 -20.41 -13.65 24.67
C PRO B 5 -20.46 -13.98 26.15
N LYS B 6 -19.29 -13.92 26.79
CA LYS B 6 -19.18 -13.93 28.24
C LYS B 6 -19.21 -12.50 28.74
N ILE B 7 -20.07 -12.23 29.72
CA ILE B 7 -20.38 -10.87 30.14
C ILE B 7 -19.92 -10.68 31.58
N GLN B 8 -19.18 -9.59 31.82
CA GLN B 8 -18.74 -9.23 33.17
C GLN B 8 -19.05 -7.76 33.41
N VAL B 9 -19.77 -7.48 34.50
CA VAL B 9 -20.07 -6.12 34.93
C VAL B 9 -19.32 -5.86 36.23
N TYR B 10 -18.54 -4.79 36.26
CA TYR B 10 -17.68 -4.53 37.40
C TYR B 10 -17.21 -3.08 37.35
N SER B 11 -16.60 -2.64 38.44
CA SER B 11 -16.04 -1.29 38.54
C SER B 11 -14.53 -1.33 38.39
N ARG B 12 -13.97 -0.20 37.95
CA ARG B 12 -12.52 -0.11 37.79
C ARG B 12 -11.81 -0.22 39.14
N HIS B 13 -12.34 0.43 40.16
CA HIS B 13 -11.81 0.41 41.52
C HIS B 13 -12.87 -0.12 42.47
N PRO B 14 -12.48 -0.56 43.67
CA PRO B 14 -13.47 -0.96 44.67
C PRO B 14 -14.48 0.15 44.93
N ALA B 15 -15.74 -0.23 45.08
CA ALA B 15 -16.84 0.74 45.14
C ALA B 15 -16.89 1.39 46.51
N GLU B 16 -16.75 2.71 46.54
CA GLU B 16 -17.01 3.53 47.71
C GLU B 16 -18.18 4.44 47.38
N ASN B 17 -19.27 4.33 48.15
CA ASN B 17 -20.44 5.17 47.92
C ASN B 17 -20.06 6.64 48.01
N GLY B 18 -20.28 7.37 46.92
CA GLY B 18 -19.95 8.78 46.84
C GLY B 18 -18.60 9.08 46.21
N LYS B 19 -17.81 8.07 45.89
CA LYS B 19 -16.50 8.25 45.28
C LYS B 19 -16.59 7.92 43.79
N SER B 20 -15.98 8.77 42.97
CA SER B 20 -16.08 8.63 41.53
C SER B 20 -15.31 7.40 41.06
N ASN B 21 -15.92 6.62 40.18
CA ASN B 21 -15.38 5.34 39.75
C ASN B 21 -15.64 5.19 38.24
N PHE B 22 -15.59 3.96 37.76
CA PHE B 22 -15.88 3.64 36.37
C PHE B 22 -16.64 2.32 36.31
N LEU B 23 -17.81 2.33 35.66
CA LEU B 23 -18.58 1.11 35.45
C LEU B 23 -18.12 0.44 34.16
N ASN B 24 -17.77 -0.85 34.26
CA ASN B 24 -17.24 -1.60 33.13
C ASN B 24 -18.20 -2.73 32.77
N CYS B 25 -18.40 -2.93 31.47
CA CYS B 25 -19.04 -4.14 30.95
C CYS B 25 -18.10 -4.74 29.92
N TYR B 26 -17.56 -5.91 30.24
CA TYR B 26 -16.57 -6.58 29.40
C TYR B 26 -17.23 -7.81 28.78
N VAL B 27 -17.40 -7.79 27.46
CA VAL B 27 -17.91 -8.93 26.71
C VAL B 27 -16.74 -9.55 25.96
N SER B 28 -16.60 -10.88 26.08
CA SER B 28 -15.45 -11.57 25.50
C SER B 28 -15.89 -12.94 25.01
N GLY B 29 -15.11 -13.48 24.07
CA GLY B 29 -15.31 -14.83 23.60
C GLY B 29 -16.45 -15.02 22.65
N PHE B 30 -16.87 -13.97 21.94
CA PHE B 30 -18.03 -14.05 21.07
C PHE B 30 -17.61 -13.96 19.60
N HIS B 31 -18.53 -14.39 18.74
CA HIS B 31 -18.35 -14.40 17.29
C HIS B 31 -19.71 -14.64 16.66
N PRO B 32 -20.13 -13.87 15.64
CA PRO B 32 -19.39 -12.77 15.00
C PRO B 32 -19.29 -11.51 15.86
N SER B 33 -18.64 -10.47 15.33
CA SER B 33 -18.32 -9.29 16.11
C SER B 33 -19.50 -8.36 16.32
N ASP B 34 -20.55 -8.50 15.52
CA ASP B 34 -21.73 -7.64 15.66
C ASP B 34 -22.40 -7.88 17.00
N ILE B 35 -22.38 -6.88 17.87
CA ILE B 35 -22.89 -7.02 19.23
C ILE B 35 -23.41 -5.66 19.69
N GLU B 36 -24.45 -5.69 20.54
CA GLU B 36 -25.01 -4.48 21.12
C GLU B 36 -24.86 -4.55 22.63
N VAL B 37 -24.20 -3.54 23.20
CA VAL B 37 -23.93 -3.48 24.62
C VAL B 37 -24.43 -2.14 25.14
N ASP B 38 -25.21 -2.17 26.23
CA ASP B 38 -25.77 -0.96 26.83
C ASP B 38 -25.61 -1.04 28.34
N LEU B 39 -24.95 -0.03 28.91
CA LEU B 39 -24.93 0.12 30.35
C LEU B 39 -26.24 0.72 30.84
N LEU B 40 -26.75 0.20 31.94
CA LEU B 40 -28.05 0.60 32.48
C LEU B 40 -27.89 1.17 33.88
N LYS B 41 -28.65 2.22 34.18
CA LYS B 41 -28.76 2.78 35.53
C LYS B 41 -30.24 2.79 35.90
N ASN B 42 -30.62 1.93 36.85
CA ASN B 42 -32.01 1.81 37.29
C ASN B 42 -32.94 1.49 36.13
N GLY B 43 -32.49 0.58 35.26
CA GLY B 43 -33.26 0.20 34.10
C GLY B 43 -33.12 1.12 32.90
N GLU B 44 -32.58 2.33 33.08
CA GLU B 44 -32.47 3.29 31.99
C GLU B 44 -31.09 3.20 31.35
N ARG B 45 -31.04 3.42 30.04
CA ARG B 45 -29.79 3.32 29.31
C ARG B 45 -28.93 4.56 29.57
N ILE B 46 -27.64 4.33 29.82
CA ILE B 46 -26.70 5.42 30.00
C ILE B 46 -26.25 5.92 28.64
N GLU B 47 -26.22 7.24 28.45
CA GLU B 47 -26.08 7.80 27.11
C GLU B 47 -24.63 7.82 26.62
N LYS B 48 -23.77 8.57 27.29
CA LYS B 48 -22.38 8.70 26.85
C LYS B 48 -21.59 7.52 27.40
N VAL B 49 -21.45 6.48 26.58
CA VAL B 49 -20.71 5.27 26.93
C VAL B 49 -19.67 5.01 25.86
N GLU B 50 -18.42 4.83 26.27
CA GLU B 50 -17.32 4.54 25.36
C GLU B 50 -17.08 3.05 25.29
N HIS B 51 -16.31 2.65 24.27
CA HIS B 51 -15.94 1.25 24.12
C HIS B 51 -14.55 1.18 23.49
N SER B 52 -13.84 0.10 23.82
CA SER B 52 -12.53 -0.13 23.24
C SER B 52 -12.65 -0.45 21.75
N ASP B 53 -11.50 -0.46 21.07
CA ASP B 53 -11.48 -0.83 19.66
C ASP B 53 -11.57 -2.34 19.52
N LEU B 54 -12.27 -2.79 18.48
CA LEU B 54 -12.51 -4.22 18.29
C LEU B 54 -11.19 -4.97 18.18
N SER B 55 -11.02 -5.97 19.06
CA SER B 55 -9.86 -6.84 19.05
C SER B 55 -10.35 -8.27 19.29
N PHE B 56 -9.42 -9.23 19.29
CA PHE B 56 -9.81 -10.61 19.50
C PHE B 56 -8.64 -11.41 20.08
N SER B 57 -8.99 -12.57 20.64
CA SER B 57 -8.02 -13.42 21.34
C SER B 57 -7.39 -14.40 20.36
N LYS B 58 -6.55 -15.31 20.88
CA LYS B 58 -5.85 -16.26 20.03
C LYS B 58 -6.80 -17.15 19.24
N ASP B 59 -7.94 -17.51 19.84
CA ASP B 59 -8.92 -18.37 19.20
C ASP B 59 -9.90 -17.60 18.31
N TRP B 60 -9.56 -16.36 17.94
CA TRP B 60 -10.30 -15.51 17.01
C TRP B 60 -11.61 -14.96 17.56
N SER B 61 -11.89 -15.16 18.85
CA SER B 61 -13.12 -14.64 19.44
C SER B 61 -12.89 -13.22 19.95
N PHE B 62 -13.88 -12.36 19.74
CA PHE B 62 -13.73 -10.93 19.98
C PHE B 62 -13.95 -10.58 21.45
N TYR B 63 -13.42 -9.43 21.84
CA TYR B 63 -13.69 -8.86 23.16
C TYR B 63 -13.79 -7.35 23.06
N LEU B 64 -14.69 -6.78 23.87
CA LEU B 64 -14.92 -5.34 23.91
C LEU B 64 -15.15 -4.91 25.34
N LEU B 65 -14.66 -3.73 25.69
CA LEU B 65 -14.87 -3.14 27.00
C LEU B 65 -15.71 -1.88 26.84
N TYR B 66 -16.93 -1.90 27.38
CA TYR B 66 -17.78 -0.73 27.46
C TYR B 66 -17.67 -0.14 28.86
N TYR B 67 -17.43 1.16 28.94
CA TYR B 67 -17.18 1.81 30.22
C TYR B 67 -17.76 3.21 30.24
N THR B 68 -18.11 3.66 31.45
CA THR B 68 -18.56 5.02 31.69
C THR B 68 -18.15 5.42 33.09
N GLU B 69 -17.99 6.72 33.30
CA GLU B 69 -17.69 7.25 34.63
C GLU B 69 -18.97 7.34 35.45
N PHE B 70 -18.93 6.84 36.67
CA PHE B 70 -20.10 6.87 37.53
C PHE B 70 -19.66 7.02 38.98
N THR B 71 -20.63 7.34 39.83
CA THR B 71 -20.41 7.48 41.27
C THR B 71 -21.45 6.61 41.98
N PRO B 72 -21.05 5.45 42.50
CA PRO B 72 -22.04 4.53 43.07
C PRO B 72 -22.67 5.08 44.34
N THR B 73 -23.96 4.75 44.51
CA THR B 73 -24.70 5.09 45.71
C THR B 73 -25.30 3.82 46.30
N GLU B 74 -25.88 3.96 47.49
CA GLU B 74 -26.49 2.80 48.15
C GLU B 74 -27.71 2.31 47.38
N LYS B 75 -28.48 3.22 46.78
CA LYS B 75 -29.75 2.88 46.17
C LYS B 75 -29.65 2.59 44.69
N ASP B 76 -28.75 3.26 43.98
CA ASP B 76 -28.68 3.13 42.52
C ASP B 76 -28.28 1.71 42.11
N GLU B 77 -29.03 1.15 41.16
CA GLU B 77 -28.78 -0.18 40.63
C GLU B 77 -28.30 -0.08 39.19
N TYR B 78 -27.14 -0.68 38.91
CA TYR B 78 -26.56 -0.69 37.59
C TYR B 78 -26.57 -2.09 37.02
N ALA B 79 -26.46 -2.17 35.69
CA ALA B 79 -26.49 -3.44 34.98
C ALA B 79 -25.93 -3.23 33.58
N CYS B 80 -25.72 -4.35 32.89
CA CYS B 80 -25.29 -4.35 31.50
C CYS B 80 -26.24 -5.22 30.69
N ARG B 81 -26.67 -4.72 29.54
CA ARG B 81 -27.59 -5.44 28.66
C ARG B 81 -26.88 -5.73 27.35
N VAL B 82 -26.75 -7.01 27.02
CA VAL B 82 -26.04 -7.46 25.84
C VAL B 82 -27.00 -8.22 24.94
N ASN B 83 -26.94 -7.94 23.64
CA ASN B 83 -27.68 -8.71 22.65
C ASN B 83 -26.73 -9.17 21.56
N HIS B 84 -26.96 -10.41 21.11
CA HIS B 84 -26.08 -11.07 20.15
C HIS B 84 -26.90 -12.17 19.48
N VAL B 85 -26.46 -12.57 18.27
CA VAL B 85 -27.22 -13.56 17.52
C VAL B 85 -27.31 -14.88 18.26
N THR B 86 -26.32 -15.18 19.11
CA THR B 86 -26.32 -16.43 19.85
C THR B 86 -27.26 -16.42 21.06
N LEU B 87 -27.84 -15.26 21.39
CA LEU B 87 -28.72 -15.14 22.54
C LEU B 87 -30.17 -15.17 22.08
N SER B 88 -31.01 -15.89 22.84
CA SER B 88 -32.43 -15.95 22.52
C SER B 88 -33.11 -14.61 22.74
N GLN B 89 -32.57 -13.80 23.64
CA GLN B 89 -33.06 -12.45 23.90
C GLN B 89 -31.93 -11.67 24.55
N PRO B 90 -32.03 -10.34 24.61
CA PRO B 90 -31.01 -9.56 25.30
C PRO B 90 -30.80 -10.04 26.73
N LYS B 91 -29.55 -10.21 27.11
CA LYS B 91 -29.18 -10.69 28.44
C LYS B 91 -28.79 -9.50 29.30
N ILE B 92 -29.42 -9.40 30.48
CA ILE B 92 -29.13 -8.35 31.44
C ILE B 92 -28.35 -8.96 32.58
N VAL B 93 -27.18 -8.42 32.87
CA VAL B 93 -26.33 -8.87 33.97
C VAL B 93 -26.20 -7.71 34.94
N LYS B 94 -26.74 -7.89 36.15
CA LYS B 94 -26.75 -6.82 37.14
C LYS B 94 -25.38 -6.69 37.80
N TRP B 95 -25.05 -5.48 38.22
CA TRP B 95 -23.75 -5.22 38.82
C TRP B 95 -23.75 -5.67 40.28
N ASP B 96 -22.79 -6.54 40.62
CA ASP B 96 -22.53 -6.95 41.99
C ASP B 96 -21.20 -6.35 42.42
N ARG B 97 -21.19 -5.71 43.60
CA ARG B 97 -19.99 -5.02 44.05
C ARG B 97 -18.83 -5.98 44.34
N ASP B 98 -19.13 -7.27 44.54
CA ASP B 98 -18.10 -8.27 44.81
C ASP B 98 -17.95 -9.25 43.65
N MET B 99 -18.23 -8.81 42.44
CA MET B 99 -18.03 -9.65 41.26
C MET B 99 -17.48 -8.84 40.09
N CYS C 1 4.29 -0.77 13.67
CA CYS C 1 5.10 -1.14 12.53
C CYS C 1 4.37 -2.13 11.63
N TYR C 2 3.44 -1.62 10.83
CA TYR C 2 2.63 -2.46 9.96
C TYR C 2 3.48 -3.07 8.85
N THR C 3 2.97 -4.14 8.26
CA THR C 3 3.66 -4.86 7.19
C THR C 3 2.89 -4.70 5.88
N TRP C 4 3.31 -5.44 4.86
CA TRP C 4 2.67 -5.41 3.54
C TRP C 4 1.74 -6.60 3.40
N ASN C 5 0.44 -6.35 3.48
CA ASN C 5 -0.58 -7.38 3.32
C ASN C 5 -1.32 -7.10 2.01
N GLN C 6 -0.69 -7.48 0.91
CA GLN C 6 -1.26 -7.33 -0.43
C GLN C 6 -1.41 -8.67 -1.12
N MET C 7 -1.24 -9.76 -0.39
CA MET C 7 -1.41 -11.10 -0.93
C MET C 7 -2.88 -11.47 -0.95
N ASN C 8 -3.33 -12.02 -2.08
CA ASN C 8 -4.72 -12.43 -2.23
C ASN C 8 -4.88 -13.93 -1.99
N LEU C 9 -6.06 -14.31 -1.52
CA LEU C 9 -6.37 -15.71 -1.27
C LEU C 9 -6.49 -16.49 -2.57
N GLY D 1 23.26 20.74 -14.16
CA GLY D 1 22.13 21.61 -14.40
C GLY D 1 20.89 21.19 -13.66
N SER D 2 19.72 21.55 -14.18
CA SER D 2 18.45 21.15 -13.58
C SER D 2 18.11 19.72 -13.96
N HIS D 3 17.51 19.00 -13.01
CA HIS D 3 17.13 17.61 -13.21
C HIS D 3 15.71 17.39 -12.72
N SER D 4 15.16 16.22 -13.07
CA SER D 4 13.77 15.92 -12.72
C SER D 4 13.63 14.43 -12.48
N MET D 5 12.59 14.06 -11.73
CA MET D 5 12.19 12.69 -11.53
C MET D 5 10.71 12.57 -11.85
N ARG D 6 10.35 11.54 -12.63
CA ARG D 6 8.97 11.37 -13.06
C ARG D 6 8.58 9.90 -12.93
N TYR D 7 7.34 9.67 -12.51
CA TYR D 7 6.72 8.36 -12.58
C TYR D 7 5.47 8.46 -13.45
N PHE D 8 5.33 7.55 -14.39
CA PHE D 8 4.17 7.49 -15.27
C PHE D 8 3.47 6.16 -15.05
N SER D 9 2.16 6.20 -14.86
CA SER D 9 1.37 5.01 -14.64
C SER D 9 0.20 4.97 -15.63
N THR D 10 -0.10 3.77 -16.13
CA THR D 10 -1.18 3.59 -17.09
C THR D 10 -2.02 2.39 -16.67
N SER D 11 -3.30 2.63 -16.37
CA SER D 11 -4.25 1.59 -16.04
C SER D 11 -5.24 1.45 -17.19
N VAL D 12 -5.19 0.31 -17.89
CA VAL D 12 -6.07 0.03 -19.02
C VAL D 12 -6.99 -1.12 -18.62
N SER D 13 -8.29 -0.87 -18.65
CA SER D 13 -9.27 -1.88 -18.30
C SER D 13 -9.59 -2.77 -19.49
N ARG D 14 -9.95 -4.01 -19.19
CA ARG D 14 -10.32 -5.00 -20.21
C ARG D 14 -11.56 -5.73 -19.74
N PRO D 15 -12.76 -5.22 -20.06
CA PRO D 15 -13.99 -5.88 -19.62
C PRO D 15 -14.10 -7.28 -20.20
N GLY D 16 -14.60 -8.21 -19.39
CA GLY D 16 -14.70 -9.59 -19.78
C GLY D 16 -13.39 -10.34 -19.83
N ARG D 17 -12.27 -9.68 -19.51
CA ARG D 17 -10.96 -10.32 -19.54
C ARG D 17 -10.20 -10.17 -18.23
N GLY D 18 -10.84 -9.69 -17.18
CA GLY D 18 -10.26 -9.69 -15.85
C GLY D 18 -9.87 -8.31 -15.37
N GLU D 19 -8.93 -8.29 -14.41
CA GLU D 19 -8.51 -7.04 -13.80
C GLU D 19 -7.74 -6.18 -14.79
N PRO D 20 -7.84 -4.86 -14.67
CA PRO D 20 -7.16 -3.97 -15.62
C PRO D 20 -5.64 -4.12 -15.59
N ARG D 21 -5.03 -3.84 -16.73
CA ARG D 21 -3.58 -3.85 -16.86
C ARG D 21 -3.00 -2.56 -16.28
N PHE D 22 -1.98 -2.69 -15.45
CA PHE D 22 -1.33 -1.55 -14.81
C PHE D 22 0.16 -1.58 -15.12
N ILE D 23 0.68 -0.47 -15.64
CA ILE D 23 2.09 -0.32 -15.94
C ILE D 23 2.57 0.99 -15.32
N ALA D 24 3.76 0.96 -14.72
CA ALA D 24 4.35 2.15 -14.14
C ALA D 24 5.86 2.15 -14.40
N VAL D 25 6.39 3.30 -14.81
CA VAL D 25 7.82 3.47 -15.06
C VAL D 25 8.32 4.70 -14.34
N GLY D 26 9.60 4.69 -13.98
CA GLY D 26 10.22 5.80 -13.27
C GLY D 26 11.42 6.33 -14.02
N TYR D 27 11.53 7.65 -14.09
CA TYR D 27 12.56 8.31 -14.86
C TYR D 27 13.35 9.29 -13.99
N VAL D 28 14.64 9.38 -14.27
CA VAL D 28 15.47 10.50 -13.85
C VAL D 28 15.98 11.17 -15.12
N ASP D 29 15.52 12.39 -15.38
CA ASP D 29 15.78 13.09 -16.64
C ASP D 29 15.18 12.25 -17.75
N ASP D 30 15.95 11.78 -18.72
CA ASP D 30 15.45 10.92 -19.78
C ASP D 30 15.86 9.47 -19.61
N THR D 31 16.47 9.12 -18.47
CA THR D 31 16.91 7.76 -18.18
C THR D 31 15.89 7.08 -17.28
N GLN D 32 15.28 6.01 -17.80
CA GLN D 32 14.40 5.19 -16.98
C GLN D 32 15.22 4.37 -15.99
N PHE D 33 14.65 4.12 -14.80
CA PHE D 33 15.36 3.31 -13.82
C PHE D 33 14.51 2.27 -13.09
N VAL D 34 13.18 2.32 -13.17
CA VAL D 34 12.32 1.30 -12.56
C VAL D 34 11.11 1.05 -13.45
N ARG D 35 10.48 -0.09 -13.24
CA ARG D 35 9.25 -0.45 -13.93
C ARG D 35 8.42 -1.35 -13.04
N PHE D 36 7.12 -1.41 -13.35
CA PHE D 36 6.22 -2.39 -12.72
C PHE D 36 5.12 -2.72 -13.72
N ASP D 37 4.96 -4.01 -14.00
CA ASP D 37 3.92 -4.52 -14.88
C ASP D 37 3.01 -5.42 -14.05
N SER D 38 1.72 -5.09 -14.02
CA SER D 38 0.77 -5.90 -13.26
C SER D 38 0.61 -7.30 -13.83
N ASP D 39 0.95 -7.51 -15.10
CA ASP D 39 0.86 -8.83 -15.71
C ASP D 39 2.17 -9.61 -15.65
N ALA D 40 3.30 -8.94 -15.42
CA ALA D 40 4.57 -9.63 -15.33
C ALA D 40 4.57 -10.64 -14.20
N ALA D 41 5.36 -11.71 -14.36
CA ALA D 41 5.35 -12.81 -13.40
C ALA D 41 6.01 -12.44 -12.08
N SER D 42 6.81 -11.37 -12.04
CA SER D 42 7.54 -11.05 -10.83
C SER D 42 6.67 -10.37 -9.78
N GLN D 43 5.72 -9.54 -10.22
CA GLN D 43 4.89 -8.74 -9.32
C GLN D 43 5.75 -7.89 -8.38
N ARG D 44 6.80 -7.29 -8.94
CA ARG D 44 7.77 -6.53 -8.17
C ARG D 44 8.15 -5.28 -8.94
N MET D 45 8.64 -4.28 -8.21
CA MET D 45 9.29 -3.13 -8.83
C MET D 45 10.65 -3.57 -9.35
N GLU D 46 10.85 -3.48 -10.67
CA GLU D 46 12.05 -4.07 -11.22
C GLU D 46 13.08 -2.99 -11.58
N PRO D 47 14.35 -3.21 -11.27
CA PRO D 47 15.38 -2.26 -11.67
C PRO D 47 15.56 -2.24 -13.18
N ARG D 48 15.88 -1.06 -13.70
CA ARG D 48 16.08 -0.88 -15.13
C ARG D 48 17.28 0.00 -15.46
N ALA D 49 18.03 0.47 -14.46
CA ALA D 49 19.26 1.21 -14.65
C ALA D 49 20.33 0.65 -13.74
N PRO D 50 21.59 0.61 -14.19
CA PRO D 50 22.64 -0.02 -13.36
C PRO D 50 22.84 0.65 -12.01
N TRP D 51 22.60 1.95 -11.90
CA TRP D 51 22.87 2.67 -10.65
C TRP D 51 21.79 2.45 -9.59
N ILE D 52 20.67 1.80 -9.93
CA ILE D 52 19.62 1.51 -8.95
C ILE D 52 19.73 0.10 -8.41
N GLU D 53 20.70 -0.69 -8.88
CA GLU D 53 20.85 -2.07 -8.42
C GLU D 53 21.55 -2.17 -7.07
N GLN D 54 22.23 -1.10 -6.62
CA GLN D 54 22.85 -1.12 -5.30
C GLN D 54 21.80 -1.22 -4.20
N GLU D 55 20.58 -0.76 -4.48
CA GLU D 55 19.56 -0.67 -3.45
C GLU D 55 19.19 -2.05 -2.90
N GLY D 56 19.21 -2.18 -1.56
CA GLY D 56 18.95 -3.43 -0.92
C GLY D 56 17.49 -3.84 -1.03
N PRO D 57 17.16 -4.97 -0.40
CA PRO D 57 15.79 -5.49 -0.50
C PRO D 57 14.76 -4.63 0.23
N GLU D 58 15.17 -3.80 1.19
CA GLU D 58 14.24 -2.89 1.85
C GLU D 58 13.64 -1.91 0.85
N TYR D 59 14.49 -1.33 -0.02
CA TYR D 59 14.00 -0.41 -1.04
C TYR D 59 12.99 -1.09 -1.94
N TRP D 60 13.29 -2.30 -2.40
CA TRP D 60 12.43 -2.98 -3.36
C TRP D 60 11.13 -3.47 -2.74
N ASP D 61 11.10 -3.70 -1.43
CA ASP D 61 9.85 -4.02 -0.76
C ASP D 61 8.98 -2.78 -0.60
N GLU D 62 9.58 -1.66 -0.19
CA GLU D 62 8.85 -0.41 -0.07
C GLU D 62 8.25 0.02 -1.41
N GLU D 63 9.07 0.03 -2.46
CA GLU D 63 8.60 0.48 -3.76
C GLU D 63 7.54 -0.45 -4.34
N THR D 64 7.69 -1.76 -4.12
CA THR D 64 6.70 -2.71 -4.63
C THR D 64 5.36 -2.53 -3.93
N GLY D 65 5.37 -2.35 -2.61
CA GLY D 65 4.11 -2.15 -1.90
C GLY D 65 3.44 -0.86 -2.28
N LYS D 66 4.21 0.21 -2.45
CA LYS D 66 3.63 1.51 -2.79
C LYS D 66 3.04 1.50 -4.20
N VAL D 67 3.69 0.81 -5.13
CA VAL D 67 3.17 0.77 -6.49
C VAL D 67 2.00 -0.20 -6.62
N LYS D 68 1.98 -1.28 -5.83
CA LYS D 68 0.83 -2.18 -5.84
C LYS D 68 -0.39 -1.52 -5.20
N ALA D 69 -0.19 -0.70 -4.17
CA ALA D 69 -1.30 0.05 -3.60
C ALA D 69 -1.87 1.03 -4.62
N HIS D 70 -1.01 1.67 -5.42
CA HIS D 70 -1.49 2.54 -6.48
C HIS D 70 -2.27 1.76 -7.53
N SER D 71 -1.78 0.57 -7.87
CA SER D 71 -2.46 -0.24 -8.88
C SER D 71 -3.89 -0.58 -8.48
N GLN D 72 -4.10 -0.93 -7.20
CA GLN D 72 -5.45 -1.28 -6.76
C GLN D 72 -6.34 -0.05 -6.59
N THR D 73 -5.75 1.11 -6.29
CA THR D 73 -6.54 2.34 -6.22
C THR D 73 -7.07 2.72 -7.59
N ASP D 74 -6.26 2.53 -8.64
CA ASP D 74 -6.71 2.84 -10.00
C ASP D 74 -7.79 1.87 -10.46
N ARG D 75 -7.80 0.65 -9.92
CA ARG D 75 -8.90 -0.26 -10.19
C ARG D 75 -10.23 0.34 -9.71
N GLU D 76 -10.25 0.83 -8.48
CA GLU D 76 -11.45 1.47 -7.97
C GLU D 76 -11.74 2.78 -8.69
N ASN D 77 -10.68 3.50 -9.11
CA ASN D 77 -10.87 4.77 -9.78
C ASN D 77 -11.49 4.61 -11.16
N LEU D 78 -11.16 3.51 -11.87
CA LEU D 78 -11.82 3.24 -13.14
C LEU D 78 -13.31 3.00 -12.95
N ARG D 79 -13.71 2.40 -11.82
CA ARG D 79 -15.13 2.20 -11.55
C ARG D 79 -15.81 3.53 -11.23
N ILE D 80 -15.14 4.38 -10.46
CA ILE D 80 -15.71 5.69 -10.12
C ILE D 80 -15.84 6.56 -11.36
N ALA D 81 -14.99 6.32 -12.37
CA ALA D 81 -15.08 7.10 -13.61
C ALA D 81 -16.37 6.78 -14.37
N LEU D 82 -16.73 5.51 -14.47
CA LEU D 82 -17.98 5.14 -15.14
C LEU D 82 -19.18 5.76 -14.46
N ARG D 83 -19.20 5.74 -13.13
CA ARG D 83 -20.31 6.34 -12.39
C ARG D 83 -20.37 7.84 -12.58
N TYR D 84 -19.24 8.48 -12.91
CA TYR D 84 -19.22 9.93 -13.11
C TYR D 84 -19.65 10.29 -14.53
N TYR D 85 -19.24 9.50 -15.52
CA TYR D 85 -19.50 9.80 -16.91
C TYR D 85 -20.67 9.01 -17.49
N ASN D 86 -21.48 8.37 -16.63
CA ASN D 86 -22.65 7.60 -17.07
C ASN D 86 -22.27 6.56 -18.13
N GLN D 87 -21.07 6.00 -18.02
CA GLN D 87 -20.52 5.14 -19.05
C GLN D 87 -20.91 3.68 -18.81
N SER D 88 -20.84 2.89 -19.88
CA SER D 88 -21.21 1.50 -19.84
C SER D 88 -20.12 0.66 -19.20
N GLU D 89 -20.47 -0.58 -18.87
CA GLU D 89 -19.55 -1.54 -18.28
C GLU D 89 -18.75 -2.31 -19.33
N ALA D 90 -19.01 -2.08 -20.62
CA ALA D 90 -18.41 -2.87 -21.68
C ALA D 90 -17.19 -2.23 -22.31
N GLY D 91 -17.02 -0.92 -22.17
CA GLY D 91 -15.96 -0.21 -22.88
C GLY D 91 -14.63 -0.23 -22.15
N SER D 92 -13.57 -0.50 -22.89
CA SER D 92 -12.22 -0.42 -22.35
C SER D 92 -11.85 1.04 -22.12
N HIS D 93 -11.19 1.31 -20.99
CA HIS D 93 -10.90 2.69 -20.60
C HIS D 93 -9.50 2.78 -20.02
N THR D 94 -8.94 3.99 -20.11
CA THR D 94 -7.55 4.25 -19.71
C THR D 94 -7.53 5.35 -18.66
N LEU D 95 -6.80 5.11 -17.57
CA LEU D 95 -6.55 6.13 -16.55
C LEU D 95 -5.04 6.30 -16.40
N GLN D 96 -4.53 7.48 -16.69
CA GLN D 96 -3.11 7.77 -16.62
C GLN D 96 -2.81 8.74 -15.48
N MET D 97 -1.62 8.62 -14.91
CA MET D 97 -1.23 9.52 -13.85
C MET D 97 0.28 9.80 -13.95
N MET D 98 0.68 11.02 -13.57
CA MET D 98 2.08 11.40 -13.54
C MET D 98 2.36 12.17 -12.25
N PHE D 99 3.52 11.91 -11.65
CA PHE D 99 3.95 12.68 -10.50
C PHE D 99 5.47 12.72 -10.45
N GLY D 100 5.98 13.73 -9.76
CA GLY D 100 7.42 13.90 -9.65
C GLY D 100 7.78 15.32 -9.28
N CYS D 101 9.08 15.59 -9.28
CA CYS D 101 9.60 16.88 -8.85
C CYS D 101 10.72 17.35 -9.77
N ASP D 102 10.93 18.67 -9.77
CA ASP D 102 12.02 19.30 -10.48
C ASP D 102 13.00 19.91 -9.50
N VAL D 103 14.29 19.70 -9.74
CA VAL D 103 15.35 20.34 -8.96
C VAL D 103 16.32 21.01 -9.92
N GLY D 104 16.99 22.06 -9.42
CA GLY D 104 18.01 22.74 -10.19
C GLY D 104 19.39 22.20 -9.88
N SER D 105 20.40 22.89 -10.44
CA SER D 105 21.78 22.56 -10.13
C SER D 105 22.07 22.64 -8.64
N ASP D 106 21.29 23.44 -7.91
CA ASP D 106 21.35 23.45 -6.45
C ASP D 106 21.07 22.08 -5.86
N GLY D 107 20.21 21.30 -6.50
CA GLY D 107 19.50 20.25 -5.82
C GLY D 107 18.29 20.73 -5.07
N ARG D 108 17.90 21.99 -5.29
CA ARG D 108 16.82 22.65 -4.59
C ARG D 108 15.50 22.40 -5.30
N PHE D 109 14.45 22.27 -4.50
CA PHE D 109 13.10 22.04 -5.03
C PHE D 109 12.67 23.21 -5.92
N LEU D 110 12.25 22.88 -7.13
CA LEU D 110 11.72 23.87 -8.06
C LEU D 110 10.21 23.71 -8.27
N ARG D 111 9.75 22.52 -8.63
CA ARG D 111 8.34 22.28 -8.89
C ARG D 111 7.96 20.87 -8.50
N GLY D 112 6.66 20.65 -8.31
CA GLY D 112 6.12 19.32 -8.10
C GLY D 112 4.91 19.11 -8.99
N TYR D 113 4.60 17.83 -9.20
CA TYR D 113 3.52 17.47 -10.12
C TYR D 113 2.71 16.30 -9.57
N HIS D 114 1.43 16.28 -9.94
CA HIS D 114 0.50 15.23 -9.56
C HIS D 114 -0.76 15.36 -10.42
N GLN D 115 -0.79 14.67 -11.55
CA GLN D 115 -1.81 14.90 -12.57
C GLN D 115 -2.45 13.59 -13.00
N TYR D 116 -3.74 13.65 -13.32
CA TYR D 116 -4.49 12.50 -13.81
C TYR D 116 -5.05 12.77 -15.20
N ALA D 117 -5.27 11.70 -15.95
CA ALA D 117 -5.92 11.76 -17.25
C ALA D 117 -6.77 10.52 -17.45
N TYR D 118 -7.97 10.73 -17.99
CA TYR D 118 -8.91 9.65 -18.27
C TYR D 118 -9.21 9.64 -19.76
N ASP D 119 -8.84 8.54 -20.43
CA ASP D 119 -9.06 8.36 -21.87
C ASP D 119 -8.33 9.42 -22.68
N GLY D 120 -7.08 9.69 -22.32
CA GLY D 120 -6.25 10.64 -23.04
C GLY D 120 -6.62 12.10 -22.85
N LYS D 121 -7.64 12.40 -22.06
CA LYS D 121 -8.04 13.77 -21.76
C LYS D 121 -7.65 14.13 -20.34
N ASP D 122 -7.32 15.41 -20.13
CA ASP D 122 -7.01 15.89 -18.80
C ASP D 122 -8.20 15.67 -17.86
N TYR D 123 -7.91 15.24 -16.63
CA TYR D 123 -8.94 15.08 -15.62
C TYR D 123 -8.73 16.03 -14.46
N ILE D 124 -7.71 15.81 -13.62
CA ILE D 124 -7.40 16.71 -12.52
C ILE D 124 -5.90 16.79 -12.37
N ALA D 125 -5.43 17.95 -11.90
CA ALA D 125 -4.00 18.20 -11.77
C ALA D 125 -3.76 19.08 -10.54
N LEU D 126 -2.65 18.82 -9.86
CA LEU D 126 -2.24 19.63 -8.73
C LEU D 126 -1.62 20.93 -9.25
N LYS D 127 -2.16 22.06 -8.81
CA LYS D 127 -1.64 23.35 -9.24
C LYS D 127 -0.23 23.56 -8.68
N GLU D 128 0.44 24.60 -9.20
CA GLU D 128 1.81 24.87 -8.80
C GLU D 128 1.92 25.27 -7.33
N ASP D 129 0.84 25.79 -6.73
CA ASP D 129 0.86 26.11 -5.31
C ASP D 129 0.81 24.86 -4.43
N LEU D 130 0.68 23.67 -5.00
CA LEU D 130 0.68 22.41 -4.26
C LEU D 130 -0.41 22.38 -3.19
N ARG D 131 -1.54 23.03 -3.44
CA ARG D 131 -2.61 23.11 -2.45
C ARG D 131 -3.99 23.01 -3.09
N SER D 132 -4.17 23.63 -4.26
CA SER D 132 -5.44 23.58 -4.98
C SER D 132 -5.31 22.71 -6.22
N TRP D 133 -6.45 22.34 -6.78
CA TRP D 133 -6.53 21.42 -7.91
C TRP D 133 -7.20 22.07 -9.10
N THR D 134 -6.82 21.63 -10.29
CA THR D 134 -7.42 22.09 -11.54
C THR D 134 -8.34 20.99 -12.06
N ALA D 135 -9.65 21.22 -11.96
CA ALA D 135 -10.64 20.28 -12.46
C ALA D 135 -10.93 20.57 -13.94
N ALA D 136 -10.85 19.53 -14.77
CA ALA D 136 -10.97 19.70 -16.21
C ALA D 136 -12.40 19.65 -16.73
N ASP D 137 -13.34 19.13 -15.93
CA ASP D 137 -14.73 19.08 -16.37
C ASP D 137 -15.63 18.99 -15.14
N MET D 138 -16.89 18.59 -15.34
CA MET D 138 -17.83 18.54 -14.23
C MET D 138 -17.53 17.38 -13.29
N ALA D 139 -17.16 16.22 -13.85
CA ALA D 139 -16.85 15.06 -13.01
C ALA D 139 -15.62 15.32 -12.14
N ALA D 140 -14.59 15.97 -12.72
CA ALA D 140 -13.39 16.29 -11.96
C ALA D 140 -13.65 17.29 -10.84
N GLN D 141 -14.71 18.09 -10.94
CA GLN D 141 -15.06 19.00 -9.85
C GLN D 141 -15.55 18.25 -8.62
N ILE D 142 -16.18 17.09 -8.81
CA ILE D 142 -16.51 16.22 -7.68
C ILE D 142 -15.24 15.83 -6.95
N THR D 143 -14.23 15.38 -7.70
CA THR D 143 -12.97 14.96 -7.10
C THR D 143 -12.24 16.13 -6.45
N LYS D 144 -12.26 17.30 -7.08
CA LYS D 144 -11.58 18.47 -6.53
C LYS D 144 -12.19 18.89 -5.20
N ARG D 145 -13.52 18.93 -5.13
CA ARG D 145 -14.18 19.31 -3.89
C ARG D 145 -13.92 18.28 -2.79
N LYS D 146 -13.91 17.00 -3.15
CA LYS D 146 -13.65 15.95 -2.15
C LYS D 146 -12.21 16.00 -1.66
N TRP D 147 -11.25 16.13 -2.57
CA TRP D 147 -9.84 16.10 -2.19
C TRP D 147 -9.45 17.33 -1.38
N GLU D 148 -10.06 18.49 -1.68
CA GLU D 148 -9.74 19.70 -0.93
C GLU D 148 -10.39 19.72 0.45
N ALA D 149 -11.48 18.99 0.66
CA ALA D 149 -12.08 18.90 1.99
C ALA D 149 -11.28 17.98 2.90
N ALA D 150 -10.73 16.90 2.34
CA ALA D 150 -9.88 15.97 3.08
C ALA D 150 -8.42 16.44 3.15
N HIS D 151 -8.06 17.51 2.46
CA HIS D 151 -6.70 18.05 2.45
C HIS D 151 -5.70 17.01 1.92
N VAL D 152 -6.04 16.41 0.77
CA VAL D 152 -5.19 15.42 0.15
C VAL D 152 -3.86 16.05 -0.30
N ALA D 153 -3.88 17.31 -0.72
CA ALA D 153 -2.68 17.94 -1.26
C ALA D 153 -1.59 18.16 -0.22
N GLU D 154 -1.94 18.26 1.06
CA GLU D 154 -0.93 18.54 2.07
C GLU D 154 0.11 17.43 2.13
N GLN D 155 -0.33 16.18 2.12
CA GLN D 155 0.62 15.08 2.17
C GLN D 155 1.43 14.99 0.88
N GLN D 156 0.78 15.22 -0.27
CA GLN D 156 1.50 15.21 -1.53
C GLN D 156 2.55 16.31 -1.59
N ARG D 157 2.22 17.50 -1.07
CA ARG D 157 3.20 18.58 -1.01
C ARG D 157 4.37 18.20 -0.12
N ALA D 158 4.10 17.48 0.98
CA ALA D 158 5.19 17.01 1.84
C ALA D 158 6.09 16.03 1.10
N TYR D 159 5.50 15.18 0.27
CA TYR D 159 6.29 14.26 -0.54
C TYR D 159 7.10 15.01 -1.60
N LEU D 160 6.44 15.89 -2.34
CA LEU D 160 7.09 16.52 -3.50
C LEU D 160 8.25 17.41 -3.07
N GLU D 161 8.09 18.15 -1.97
CA GLU D 161 9.16 19.04 -1.53
C GLU D 161 10.20 18.32 -0.69
N GLY D 162 9.95 17.08 -0.28
CA GLY D 162 10.85 16.39 0.61
C GLY D 162 11.36 15.06 0.08
N THR D 163 10.53 14.02 0.17
CA THR D 163 10.97 12.68 -0.24
C THR D 163 11.37 12.65 -1.70
N CYS D 164 10.58 13.28 -2.58
CA CYS D 164 10.91 13.29 -3.99
C CYS D 164 12.25 13.99 -4.24
N VAL D 165 12.50 15.11 -3.56
CA VAL D 165 13.75 15.85 -3.76
C VAL D 165 14.92 15.07 -3.18
N ASP D 166 14.74 14.47 -1.99
CA ASP D 166 15.82 13.69 -1.39
C ASP D 166 16.15 12.47 -2.23
N GLY D 167 15.12 11.78 -2.73
CA GLY D 167 15.37 10.61 -3.58
C GLY D 167 16.03 10.96 -4.90
N LEU D 168 15.72 12.14 -5.44
CA LEU D 168 16.32 12.54 -6.71
C LEU D 168 17.79 12.88 -6.55
N ARG D 169 18.13 13.66 -5.51
CA ARG D 169 19.52 13.97 -5.24
C ARG D 169 20.32 12.71 -4.94
N ARG D 170 19.70 11.71 -4.33
CA ARG D 170 20.38 10.44 -4.08
C ARG D 170 20.66 9.70 -5.37
N TYR D 171 19.67 9.65 -6.28
CA TYR D 171 19.87 8.98 -7.56
C TYR D 171 20.92 9.70 -8.41
N LEU D 172 20.91 11.04 -8.38
CA LEU D 172 21.91 11.80 -9.13
C LEU D 172 23.31 11.54 -8.60
N GLU D 173 23.44 11.24 -7.32
CA GLU D 173 24.75 10.97 -6.73
C GLU D 173 25.19 9.53 -6.98
N ASN D 174 24.24 8.60 -7.08
CA ASN D 174 24.58 7.20 -7.32
C ASN D 174 24.84 6.92 -8.80
N GLY D 175 24.19 7.65 -9.69
CA GLY D 175 24.35 7.42 -11.12
C GLY D 175 24.96 8.59 -11.85
N LYS D 176 25.77 9.40 -11.15
CA LYS D 176 26.40 10.55 -11.78
C LYS D 176 27.31 10.16 -12.93
N GLU D 177 27.68 8.88 -13.03
CA GLU D 177 28.43 8.41 -14.19
C GLU D 177 27.64 8.64 -15.48
N THR D 178 26.36 8.27 -15.47
CA THR D 178 25.50 8.36 -16.65
C THR D 178 24.60 9.58 -16.64
N LEU D 179 24.04 9.94 -15.48
CA LEU D 179 23.04 11.01 -15.42
C LEU D 179 23.66 12.39 -15.54
N GLN D 180 24.82 12.60 -14.90
CA GLN D 180 25.39 13.94 -14.81
C GLN D 180 26.03 14.36 -16.14
N ARG D 181 26.84 13.49 -16.72
CA ARG D 181 27.53 13.84 -17.95
C ARG D 181 26.56 13.99 -19.11
N THR D 182 26.80 14.99 -19.95
CA THR D 182 26.01 15.22 -21.15
C THR D 182 26.85 14.87 -22.38
N ASP D 183 26.31 14.01 -23.23
CA ASP D 183 26.94 13.72 -24.51
C ASP D 183 26.46 14.72 -25.54
N PRO D 184 27.34 15.48 -26.18
CA PRO D 184 26.91 16.44 -27.20
C PRO D 184 26.55 15.73 -28.49
N PRO D 185 25.72 16.33 -29.34
CA PRO D 185 25.31 15.65 -30.57
C PRO D 185 26.44 15.60 -31.59
N LYS D 186 26.40 14.56 -32.42
CA LYS D 186 27.32 14.40 -33.55
C LYS D 186 26.55 14.71 -34.81
N THR D 187 26.87 15.83 -35.45
CA THR D 187 26.06 16.40 -36.51
C THR D 187 26.64 16.12 -37.89
N HIS D 188 25.77 15.91 -38.86
CA HIS D 188 26.15 15.77 -40.26
C HIS D 188 24.93 16.07 -41.12
N MET D 189 25.18 16.41 -42.37
CA MET D 189 24.13 16.80 -43.31
C MET D 189 24.19 15.92 -44.55
N THR D 190 23.02 15.62 -45.12
CA THR D 190 22.90 14.76 -46.28
C THR D 190 22.15 15.46 -47.39
N HIS D 191 22.45 15.08 -48.63
CA HIS D 191 21.92 15.72 -49.83
C HIS D 191 21.27 14.66 -50.72
N HIS D 192 20.01 14.87 -51.07
CA HIS D 192 19.29 13.97 -51.97
C HIS D 192 18.57 14.79 -53.03
N PRO D 193 18.88 14.61 -54.31
CA PRO D 193 18.04 15.20 -55.36
C PRO D 193 16.70 14.49 -55.42
N ILE D 194 15.69 15.21 -55.92
CA ILE D 194 14.35 14.64 -56.03
C ILE D 194 13.84 14.72 -57.45
N SER D 195 13.92 15.91 -58.07
CA SER D 195 13.49 16.07 -59.45
C SER D 195 14.54 16.85 -60.24
N ASP D 196 14.19 17.26 -61.46
CA ASP D 196 15.13 18.01 -62.29
C ASP D 196 15.48 19.37 -61.72
N HIS D 197 14.78 19.83 -60.69
CA HIS D 197 14.88 21.22 -60.27
C HIS D 197 14.90 21.44 -58.76
N GLU D 198 14.86 20.38 -57.94
CA GLU D 198 14.80 20.52 -56.50
C GLU D 198 15.63 19.44 -55.83
N ALA D 199 15.82 19.59 -54.52
CA ALA D 199 16.59 18.65 -53.72
C ALA D 199 16.15 18.78 -52.27
N THR D 200 16.70 17.89 -51.43
CA THR D 200 16.32 17.82 -50.02
C THR D 200 17.57 17.86 -49.15
N LEU D 201 17.59 18.79 -48.20
CA LEU D 201 18.65 18.89 -47.21
C LEU D 201 18.15 18.32 -45.89
N ARG D 202 18.87 17.33 -45.36
CA ARG D 202 18.53 16.71 -44.08
C ARG D 202 19.66 16.94 -43.09
N CYS D 203 19.33 17.52 -41.94
CA CYS D 203 20.29 17.84 -40.91
C CYS D 203 20.17 16.83 -39.78
N TRP D 204 21.30 16.26 -39.35
CA TRP D 204 21.30 15.14 -38.41
C TRP D 204 22.00 15.50 -37.11
N ALA D 205 21.50 14.89 -36.02
CA ALA D 205 22.14 14.94 -34.72
C ALA D 205 21.95 13.58 -34.05
N LEU D 206 23.03 13.00 -33.55
CA LEU D 206 23.00 11.65 -33.02
C LEU D 206 23.82 11.57 -31.73
N GLY D 207 23.45 10.63 -30.87
CA GLY D 207 24.27 10.31 -29.72
C GLY D 207 24.30 11.34 -28.63
N PHE D 208 23.26 12.15 -28.51
CA PHE D 208 23.22 13.21 -27.50
C PHE D 208 22.30 12.83 -26.34
N TYR D 209 22.65 13.34 -25.16
CA TYR D 209 21.88 13.21 -23.93
C TYR D 209 22.15 14.45 -23.11
N PRO D 210 21.10 15.08 -22.53
CA PRO D 210 19.69 14.68 -22.53
C PRO D 210 18.99 14.89 -23.87
N ALA D 211 17.71 14.52 -23.91
CA ALA D 211 16.99 14.49 -25.19
C ALA D 211 16.58 15.87 -25.66
N GLU D 212 16.62 16.87 -24.79
CA GLU D 212 16.21 18.22 -25.17
C GLU D 212 17.19 18.79 -26.19
N ILE D 213 16.70 19.08 -27.39
CA ILE D 213 17.55 19.58 -28.47
C ILE D 213 16.66 20.37 -29.41
N THR D 214 17.25 21.35 -30.09
CA THR D 214 16.54 22.20 -31.03
C THR D 214 17.26 22.19 -32.37
N LEU D 215 16.51 21.95 -33.44
CA LEU D 215 17.01 22.02 -34.80
C LEU D 215 16.26 23.11 -35.56
N THR D 216 16.98 23.89 -36.35
CA THR D 216 16.40 25.03 -37.04
C THR D 216 17.01 25.15 -38.43
N TRP D 217 16.19 25.61 -39.38
CA TRP D 217 16.62 25.85 -40.75
C TRP D 217 16.37 27.31 -41.11
N GLN D 218 17.46 28.03 -41.43
CA GLN D 218 17.38 29.40 -41.88
C GLN D 218 17.70 29.48 -43.37
N ARG D 219 17.00 30.37 -44.06
CA ARG D 219 17.29 30.69 -45.45
C ARG D 219 17.59 32.18 -45.54
N ASP D 220 18.82 32.52 -45.92
CA ASP D 220 19.30 33.90 -45.91
C ASP D 220 19.13 34.55 -44.54
N GLY D 221 19.29 33.76 -43.48
CA GLY D 221 19.22 34.24 -42.12
C GLY D 221 17.86 34.73 -41.67
N GLU D 222 16.82 33.91 -41.80
CA GLU D 222 15.45 34.34 -41.54
C GLU D 222 14.63 33.38 -40.67
N ASP D 223 15.08 32.13 -40.49
CA ASP D 223 14.26 31.03 -39.96
C ASP D 223 13.20 30.64 -40.99
N GLN D 224 12.63 29.44 -40.84
CA GLN D 224 11.72 28.93 -41.87
C GLN D 224 10.78 27.93 -41.24
N THR D 225 9.52 28.33 -41.03
CA THR D 225 8.50 27.43 -40.51
C THR D 225 7.52 27.08 -41.63
N GLN D 226 8.04 26.71 -42.79
CA GLN D 226 7.22 26.28 -43.91
C GLN D 226 8.11 25.51 -44.87
N ASP D 227 7.56 24.46 -45.46
CA ASP D 227 8.31 23.54 -46.31
C ASP D 227 9.49 22.92 -45.56
N THR D 228 9.30 22.68 -44.27
CA THR D 228 10.31 22.09 -43.41
C THR D 228 9.70 20.90 -42.67
N GLU D 229 10.28 19.72 -42.86
CA GLU D 229 9.82 18.51 -42.17
C GLU D 229 10.64 18.31 -40.91
N LEU D 230 9.95 18.20 -39.77
CA LEU D 230 10.59 18.01 -38.48
C LEU D 230 10.02 16.75 -37.84
N VAL D 231 10.88 15.80 -37.49
CA VAL D 231 10.45 14.55 -36.91
C VAL D 231 10.69 14.59 -35.40
N GLU D 232 9.93 13.77 -34.68
CA GLU D 232 10.02 13.72 -33.24
C GLU D 232 11.34 13.09 -32.80
N THR D 233 11.87 13.57 -31.68
CA THR D 233 13.10 13.00 -31.13
C THR D 233 12.89 11.53 -30.82
N ARG D 234 13.94 10.73 -31.03
CA ARG D 234 13.85 9.29 -30.89
C ARG D 234 15.05 8.78 -30.10
N PRO D 235 14.92 7.63 -29.43
CA PRO D 235 16.04 7.08 -28.67
C PRO D 235 16.90 6.14 -29.52
N ALA D 236 18.21 6.18 -29.26
CA ALA D 236 19.11 5.26 -29.92
C ALA D 236 19.02 3.85 -29.37
N GLY D 237 18.45 3.69 -28.18
CA GLY D 237 18.43 2.41 -27.52
C GLY D 237 19.61 2.14 -26.60
N ASP D 238 20.57 3.07 -26.52
CA ASP D 238 21.73 2.91 -25.66
C ASP D 238 21.82 4.00 -24.60
N GLY D 239 20.82 4.86 -24.49
CA GLY D 239 20.84 5.97 -23.56
C GLY D 239 21.13 7.32 -24.18
N THR D 240 21.19 7.41 -25.51
CA THR D 240 21.35 8.65 -26.24
C THR D 240 20.20 8.80 -27.23
N PHE D 241 20.09 9.99 -27.82
CA PHE D 241 18.92 10.33 -28.62
C PHE D 241 19.33 10.80 -30.01
N GLN D 242 18.34 10.84 -30.90
CA GLN D 242 18.52 11.18 -32.29
C GLN D 242 17.33 11.99 -32.79
N LYS D 243 17.61 13.05 -33.55
CA LYS D 243 16.58 13.80 -34.24
C LYS D 243 17.17 14.33 -35.54
N TRP D 244 16.32 14.51 -36.55
CA TRP D 244 16.75 15.19 -37.76
C TRP D 244 15.67 16.16 -38.22
N ALA D 245 16.09 17.12 -39.05
CA ALA D 245 15.20 18.12 -39.63
C ALA D 245 15.56 18.31 -41.08
N ALA D 246 14.53 18.40 -41.94
CA ALA D 246 14.74 18.46 -43.38
C ALA D 246 14.07 19.69 -43.96
N VAL D 247 14.46 20.02 -45.19
CA VAL D 247 13.90 21.16 -45.92
C VAL D 247 14.15 20.93 -47.41
N VAL D 248 13.18 21.33 -48.23
CA VAL D 248 13.26 21.18 -49.68
C VAL D 248 13.67 22.51 -50.30
N VAL D 249 14.59 22.44 -51.26
CA VAL D 249 15.24 23.61 -51.83
C VAL D 249 15.32 23.47 -53.34
N PRO D 250 15.14 24.56 -54.09
CA PRO D 250 15.46 24.51 -55.53
C PRO D 250 16.95 24.33 -55.74
N SER D 251 17.30 23.67 -56.85
CA SER D 251 18.68 23.32 -57.12
C SER D 251 19.56 24.55 -57.24
N GLY D 252 20.84 24.36 -56.98
CA GLY D 252 21.81 25.45 -57.04
C GLY D 252 21.85 26.28 -55.76
N GLU D 253 20.69 26.48 -55.13
CA GLU D 253 20.57 27.31 -53.94
C GLU D 253 20.87 26.55 -52.65
N GLU D 254 21.55 25.40 -52.72
CA GLU D 254 21.84 24.63 -51.51
C GLU D 254 22.77 25.40 -50.58
N GLN D 255 23.69 26.18 -51.14
CA GLN D 255 24.62 26.98 -50.33
C GLN D 255 23.92 28.10 -49.55
N ARG D 256 22.63 28.33 -49.83
CA ARG D 256 21.89 29.46 -49.29
C ARG D 256 21.20 29.14 -47.96
N TYR D 257 21.16 27.88 -47.55
CA TYR D 257 20.43 27.44 -46.37
C TYR D 257 21.39 27.01 -45.27
N THR D 258 20.96 27.15 -44.02
CA THR D 258 21.80 26.83 -42.87
C THR D 258 20.98 26.13 -41.79
N CYS D 259 21.58 25.10 -41.19
CA CYS D 259 20.99 24.37 -40.09
C CYS D 259 21.63 24.79 -38.77
N HIS D 260 20.82 24.91 -37.73
CA HIS D 260 21.28 25.35 -36.42
C HIS D 260 20.94 24.31 -35.36
N VAL D 261 21.92 23.95 -34.54
CA VAL D 261 21.82 22.87 -33.59
C VAL D 261 22.19 23.39 -32.20
N GLN D 262 21.22 23.43 -31.30
CA GLN D 262 21.44 23.82 -29.91
C GLN D 262 21.25 22.61 -29.01
N HIS D 263 22.15 22.44 -28.04
CA HIS D 263 22.08 21.32 -27.12
C HIS D 263 22.91 21.64 -25.90
N GLU D 264 22.55 21.00 -24.77
CA GLU D 264 23.24 21.27 -23.51
C GLU D 264 24.72 20.92 -23.58
N GLY D 265 25.09 19.93 -24.40
CA GLY D 265 26.48 19.53 -24.49
C GLY D 265 27.34 20.40 -25.37
N LEU D 266 26.75 21.12 -26.31
CA LEU D 266 27.51 21.99 -27.19
C LEU D 266 27.90 23.27 -26.46
N PRO D 267 29.18 23.64 -26.45
CA PRO D 267 29.57 24.94 -25.85
C PRO D 267 28.95 26.11 -26.59
N LYS D 268 28.95 26.08 -27.92
CA LYS D 268 28.34 27.10 -28.76
C LYS D 268 27.41 26.42 -29.75
N PRO D 269 26.24 27.03 -30.04
CA PRO D 269 25.35 26.44 -31.03
C PRO D 269 26.02 26.31 -32.38
N LEU D 270 25.80 25.16 -33.03
CA LEU D 270 26.44 24.86 -34.31
C LEU D 270 25.60 25.39 -35.47
N THR D 271 26.25 26.07 -36.40
CA THR D 271 25.64 26.48 -37.66
C THR D 271 26.25 25.62 -38.76
N LEU D 272 25.40 24.92 -39.50
CA LEU D 272 25.83 23.95 -40.49
C LEU D 272 25.40 24.39 -41.89
N ARG D 273 26.26 24.12 -42.87
CA ARG D 273 26.02 24.50 -44.26
C ARG D 273 26.52 23.39 -45.16
N TRP D 274 25.78 23.12 -46.22
CA TRP D 274 26.14 22.03 -47.15
C TRP D 274 27.48 22.28 -47.82
N ILE E 1 -9.85 9.70 -26.29
CA ILE E 1 -9.74 10.06 -27.69
C ILE E 1 -8.79 9.11 -28.41
N GLN E 2 -8.52 9.39 -29.70
CA GLN E 2 -7.65 8.56 -30.51
C GLN E 2 -6.55 9.41 -31.13
N ARG E 3 -5.41 8.78 -31.38
CA ARG E 3 -4.27 9.41 -32.02
C ARG E 3 -3.54 8.37 -32.86
N THR E 4 -3.16 8.76 -34.08
CA THR E 4 -2.47 7.87 -34.99
C THR E 4 -0.99 7.80 -34.62
N PRO E 5 -0.41 6.60 -34.57
CA PRO E 5 1.01 6.48 -34.18
C PRO E 5 1.94 7.01 -35.26
N LYS E 6 3.03 7.63 -34.82
CA LYS E 6 4.10 8.12 -35.68
C LYS E 6 5.23 7.10 -35.67
N ILE E 7 5.60 6.60 -36.84
CA ILE E 7 6.55 5.48 -36.96
C ILE E 7 7.90 6.01 -37.41
N GLN E 8 8.97 5.41 -36.90
CA GLN E 8 10.33 5.77 -37.29
C GLN E 8 11.19 4.51 -37.27
N VAL E 9 11.77 4.17 -38.41
CA VAL E 9 12.66 3.00 -38.53
C VAL E 9 14.07 3.50 -38.77
N TYR E 10 15.03 2.96 -38.03
CA TYR E 10 16.41 3.43 -38.05
C TYR E 10 17.26 2.40 -37.33
N SER E 11 18.57 2.65 -37.31
CA SER E 11 19.53 1.81 -36.60
C SER E 11 20.13 2.59 -35.43
N ARG E 12 20.61 1.84 -34.44
CA ARG E 12 21.25 2.45 -33.28
C ARG E 12 22.47 3.27 -33.69
N HIS E 13 23.45 2.61 -34.29
CA HIS E 13 24.63 3.24 -34.87
C HIS E 13 24.48 3.31 -36.38
N PRO E 14 25.22 4.21 -37.04
CA PRO E 14 25.14 4.29 -38.50
C PRO E 14 25.46 2.96 -39.16
N ALA E 15 24.63 2.60 -40.14
CA ALA E 15 24.67 1.25 -40.71
C ALA E 15 25.98 0.99 -41.44
N GLU E 16 26.64 -0.10 -41.09
CA GLU E 16 27.80 -0.62 -41.82
C GLU E 16 27.55 -2.09 -42.11
N ASN E 17 27.61 -2.46 -43.38
CA ASN E 17 27.36 -3.84 -43.76
C ASN E 17 28.40 -4.77 -43.15
N GLY E 18 27.94 -5.90 -42.62
CA GLY E 18 28.80 -6.83 -41.92
C GLY E 18 29.06 -6.51 -40.47
N LYS E 19 28.75 -5.30 -40.02
CA LYS E 19 28.93 -4.92 -38.62
C LYS E 19 27.63 -5.15 -37.86
N SER E 20 27.74 -5.74 -36.67
CA SER E 20 26.57 -5.96 -35.83
C SER E 20 25.99 -4.63 -35.36
N ASN E 21 24.66 -4.58 -35.27
CA ASN E 21 23.96 -3.34 -34.97
C ASN E 21 22.61 -3.69 -34.34
N PHE E 22 21.76 -2.68 -34.16
CA PHE E 22 20.41 -2.85 -33.63
C PHE E 22 19.43 -2.09 -34.52
N LEU E 23 18.40 -2.79 -34.98
CA LEU E 23 17.34 -2.19 -35.79
C LEU E 23 16.19 -1.79 -34.88
N ASN E 24 15.82 -0.52 -34.92
CA ASN E 24 14.81 0.04 -34.04
C ASN E 24 13.53 0.36 -34.80
N CYS E 25 12.43 0.49 -34.06
CA CYS E 25 11.19 1.04 -34.56
C CYS E 25 10.53 1.77 -33.40
N TYR E 26 10.25 3.06 -33.60
CA TYR E 26 9.82 3.95 -32.52
C TYR E 26 8.44 4.52 -32.89
N VAL E 27 7.39 3.91 -32.35
CA VAL E 27 6.03 4.44 -32.48
C VAL E 27 5.83 5.51 -31.41
N SER E 28 5.05 6.54 -31.76
CA SER E 28 4.96 7.72 -30.90
C SER E 28 3.62 8.41 -31.10
N GLY E 29 3.17 9.08 -30.04
CA GLY E 29 2.00 9.94 -30.12
C GLY E 29 0.69 9.26 -30.42
N PHE E 30 0.49 8.04 -29.94
CA PHE E 30 -0.72 7.27 -30.22
C PHE E 30 -1.55 7.07 -28.96
N HIS E 31 -2.86 6.91 -29.15
CA HIS E 31 -3.80 6.68 -28.06
C HIS E 31 -4.99 5.93 -28.63
N PRO E 32 -5.48 4.88 -27.96
CA PRO E 32 -4.96 4.34 -26.69
C PRO E 32 -3.69 3.49 -26.82
N SER E 33 -3.53 2.55 -25.89
CA SER E 33 -2.24 1.92 -25.66
C SER E 33 -2.07 0.56 -26.34
N ASP E 34 -3.10 0.03 -26.99
CA ASP E 34 -2.99 -1.25 -27.67
C ASP E 34 -2.45 -1.04 -29.08
N ILE E 35 -1.30 -1.63 -29.37
CA ILE E 35 -0.64 -1.47 -30.67
C ILE E 35 0.18 -2.71 -30.95
N GLU E 36 0.22 -3.12 -32.22
CA GLU E 36 0.97 -4.27 -32.66
C GLU E 36 2.11 -3.81 -33.57
N VAL E 37 3.33 -4.23 -33.23
CA VAL E 37 4.54 -3.78 -33.92
C VAL E 37 5.40 -5.00 -34.23
N ASP E 38 5.72 -5.19 -35.51
CA ASP E 38 6.54 -6.30 -35.96
C ASP E 38 7.70 -5.79 -36.80
N LEU E 39 8.87 -6.41 -36.64
CA LEU E 39 10.05 -6.09 -37.43
C LEU E 39 10.23 -7.16 -38.50
N LEU E 40 10.48 -6.73 -39.74
CA LEU E 40 10.52 -7.61 -40.89
C LEU E 40 11.93 -7.70 -41.46
N LYS E 41 12.32 -8.91 -41.84
CA LYS E 41 13.56 -9.16 -42.58
C LYS E 41 13.16 -9.76 -43.92
N ASN E 42 13.12 -8.93 -44.95
CA ASN E 42 12.67 -9.27 -46.30
C ASN E 42 11.19 -9.63 -46.36
N GLY E 43 10.42 -9.34 -45.30
CA GLY E 43 9.01 -9.67 -45.23
C GLY E 43 8.65 -10.59 -44.08
N GLU E 44 9.60 -11.42 -43.64
CA GLU E 44 9.37 -12.33 -42.53
C GLU E 44 9.46 -11.60 -41.19
N ARG E 45 8.60 -11.97 -40.26
CA ARG E 45 8.60 -11.37 -38.93
C ARG E 45 9.76 -11.92 -38.12
N ILE E 46 10.66 -11.04 -37.67
CA ILE E 46 11.71 -11.45 -36.76
C ILE E 46 11.08 -11.78 -35.41
N GLU E 47 11.64 -12.78 -34.72
CA GLU E 47 10.99 -13.32 -33.53
C GLU E 47 11.49 -12.66 -32.24
N LYS E 48 12.81 -12.53 -32.09
CA LYS E 48 13.39 -11.94 -30.87
C LYS E 48 13.26 -10.42 -30.93
N VAL E 49 12.04 -9.95 -30.72
CA VAL E 49 11.73 -8.53 -30.75
C VAL E 49 11.44 -8.03 -29.33
N GLU E 50 12.46 -7.49 -28.68
CA GLU E 50 12.28 -6.86 -27.39
C GLU E 50 11.68 -5.47 -27.56
N HIS E 51 10.81 -5.08 -26.64
CA HIS E 51 10.16 -3.78 -26.68
C HIS E 51 10.36 -3.08 -25.35
N SER E 52 9.95 -1.81 -25.31
CA SER E 52 10.14 -0.96 -24.14
C SER E 52 8.90 -1.00 -23.26
N ASP E 53 9.06 -0.53 -22.03
CA ASP E 53 7.95 -0.42 -21.10
C ASP E 53 7.07 0.78 -21.49
N LEU E 54 5.76 0.56 -21.50
CA LEU E 54 4.83 1.59 -21.97
C LEU E 54 4.95 2.84 -21.11
N SER E 55 5.25 3.96 -21.77
CA SER E 55 5.29 5.28 -21.14
C SER E 55 4.50 6.24 -22.01
N PHE E 56 4.44 7.51 -21.58
CA PHE E 56 3.72 8.51 -22.34
C PHE E 56 4.34 9.89 -22.12
N SER E 57 3.86 10.86 -22.89
CA SER E 57 4.46 12.17 -22.99
C SER E 57 3.64 13.20 -22.20
N LYS E 58 3.97 14.48 -22.40
CA LYS E 58 3.28 15.54 -21.68
C LYS E 58 1.81 15.67 -22.09
N ASP E 59 1.49 15.26 -23.32
CA ASP E 59 0.11 15.31 -23.80
C ASP E 59 -0.63 13.98 -23.60
N TRP E 60 -0.06 13.06 -22.83
CA TRP E 60 -0.60 11.75 -22.44
C TRP E 60 -0.49 10.71 -23.55
N SER E 61 0.00 11.06 -24.73
CA SER E 61 0.13 10.09 -25.80
C SER E 61 1.32 9.16 -25.54
N PHE E 62 1.18 7.91 -25.97
CA PHE E 62 2.13 6.86 -25.62
C PHE E 62 3.28 6.78 -26.64
N TYR E 63 4.31 6.02 -26.26
CA TYR E 63 5.44 5.75 -27.15
C TYR E 63 6.11 4.45 -26.72
N LEU E 64 6.69 3.76 -27.70
CA LEU E 64 7.34 2.48 -27.47
C LEU E 64 8.49 2.32 -28.47
N LEU E 65 9.48 1.52 -28.09
CA LEU E 65 10.62 1.22 -28.95
C LEU E 65 10.74 -0.30 -29.09
N TYR E 66 10.65 -0.79 -30.33
CA TYR E 66 10.78 -2.21 -30.64
C TYR E 66 12.11 -2.43 -31.34
N TYR E 67 13.09 -2.93 -30.59
CA TYR E 67 14.44 -3.09 -31.09
C TYR E 67 14.82 -4.56 -31.18
N THR E 68 15.65 -4.87 -32.17
CA THR E 68 16.22 -6.20 -32.35
C THR E 68 17.67 -6.04 -32.81
N GLU E 69 18.45 -7.09 -32.61
CA GLU E 69 19.83 -7.09 -33.09
C GLU E 69 19.90 -7.71 -34.48
N PHE E 70 20.71 -7.11 -35.34
CA PHE E 70 20.84 -7.57 -36.72
C PHE E 70 22.23 -7.22 -37.22
N THR E 71 22.58 -7.80 -38.37
CA THR E 71 23.79 -7.44 -39.10
C THR E 71 23.39 -7.05 -40.51
N PRO E 72 23.43 -5.77 -40.86
CA PRO E 72 22.95 -5.35 -42.19
C PRO E 72 23.89 -5.82 -43.29
N THR E 73 23.31 -6.04 -44.47
CA THR E 73 24.10 -6.35 -45.67
C THR E 73 23.76 -5.36 -46.77
N GLU E 74 24.17 -5.66 -48.00
CA GLU E 74 24.04 -4.69 -49.08
C GLU E 74 22.59 -4.55 -49.53
N LYS E 75 21.91 -5.68 -49.76
CA LYS E 75 20.54 -5.66 -50.27
C LYS E 75 19.62 -6.48 -49.38
N ASP E 76 19.77 -6.35 -48.07
CA ASP E 76 18.83 -6.95 -47.12
C ASP E 76 17.77 -5.91 -46.74
N GLU E 77 16.51 -6.27 -46.94
CA GLU E 77 15.40 -5.37 -46.66
C GLU E 77 14.86 -5.57 -45.25
N TYR E 78 14.77 -4.48 -44.50
CA TYR E 78 14.13 -4.47 -43.20
C TYR E 78 13.01 -3.44 -43.19
N ALA E 79 12.01 -3.66 -42.35
CA ALA E 79 10.88 -2.75 -42.26
C ALA E 79 10.21 -2.92 -40.90
N CYS E 80 9.16 -2.14 -40.68
CA CYS E 80 8.41 -2.18 -39.43
C CYS E 80 6.92 -2.14 -39.76
N ARG E 81 6.18 -3.14 -39.29
CA ARG E 81 4.75 -3.28 -39.55
C ARG E 81 3.97 -2.92 -38.31
N VAL E 82 3.16 -1.87 -38.39
CA VAL E 82 2.44 -1.32 -37.23
C VAL E 82 0.96 -1.25 -37.56
N ASN E 83 0.13 -1.85 -36.71
CA ASN E 83 -1.32 -1.73 -36.80
C ASN E 83 -1.88 -1.24 -35.47
N HIS E 84 -2.93 -0.44 -35.56
CA HIS E 84 -3.49 0.26 -34.41
C HIS E 84 -4.95 0.55 -34.70
N VAL E 85 -5.70 0.88 -33.64
CA VAL E 85 -7.14 1.11 -33.79
C VAL E 85 -7.45 2.29 -34.69
N THR E 86 -6.49 3.22 -34.86
CA THR E 86 -6.69 4.37 -35.72
C THR E 86 -6.37 4.09 -37.18
N LEU E 87 -5.56 3.07 -37.46
CA LEU E 87 -5.23 2.68 -38.82
C LEU E 87 -6.24 1.65 -39.32
N SER E 88 -6.73 1.85 -40.54
CA SER E 88 -7.67 0.91 -41.14
C SER E 88 -6.99 -0.32 -41.73
N GLN E 89 -5.66 -0.36 -41.73
CA GLN E 89 -4.89 -1.53 -42.11
C GLN E 89 -3.42 -1.27 -41.75
N PRO E 90 -2.63 -2.33 -41.58
CA PRO E 90 -1.25 -2.14 -41.10
C PRO E 90 -0.42 -1.26 -42.02
N LYS E 91 0.22 -0.25 -41.42
CA LYS E 91 1.13 0.63 -42.13
C LYS E 91 2.57 0.14 -41.94
N ILE E 92 3.37 0.24 -42.99
CA ILE E 92 4.74 -0.23 -42.98
C ILE E 92 5.67 0.91 -43.39
N VAL E 93 6.78 1.04 -42.66
CA VAL E 93 7.84 2.00 -42.98
C VAL E 93 9.09 1.20 -43.26
N LYS E 94 9.56 1.23 -44.50
CA LYS E 94 10.77 0.51 -44.86
C LYS E 94 11.99 1.25 -44.34
N TRP E 95 13.01 0.49 -43.94
CA TRP E 95 14.21 1.08 -43.33
C TRP E 95 15.02 1.81 -44.38
N ASP E 96 15.06 3.13 -44.29
CA ASP E 96 15.94 3.94 -45.12
C ASP E 96 17.16 4.35 -44.29
N ARG E 97 18.34 4.22 -44.89
CA ARG E 97 19.57 4.54 -44.17
C ARG E 97 19.76 6.03 -43.94
N ASP E 98 18.88 6.87 -44.47
CA ASP E 98 19.00 8.31 -44.28
C ASP E 98 17.62 8.96 -44.32
N MET E 99 16.70 8.44 -43.53
CA MET E 99 15.37 9.04 -43.36
C MET E 99 14.74 8.53 -42.07
N CYS F 1 11.67 6.62 -5.65
CA CYS F 1 10.85 7.10 -4.55
C CYS F 1 9.39 7.24 -4.96
N TYR F 2 8.64 6.14 -4.85
CA TYR F 2 7.22 6.18 -5.13
C TYR F 2 6.48 6.83 -3.97
N THR F 3 5.34 7.44 -4.29
CA THR F 3 4.53 8.15 -3.31
C THR F 3 3.32 7.30 -2.91
N TRP F 4 2.49 7.85 -2.03
CA TRP F 4 1.26 7.20 -1.61
C TRP F 4 0.12 7.70 -2.49
N ASN F 5 -0.52 6.78 -3.22
CA ASN F 5 -1.58 7.09 -4.17
C ASN F 5 -2.82 6.26 -3.86
N GLN F 6 -3.49 6.65 -2.78
CA GLN F 6 -4.70 5.94 -2.35
C GLN F 6 -5.90 6.87 -2.34
N MET F 7 -5.81 8.00 -3.02
CA MET F 7 -6.94 8.91 -3.16
C MET F 7 -7.86 8.42 -4.27
N ASN F 8 -9.16 8.39 -3.99
CA ASN F 8 -10.15 7.96 -4.96
C ASN F 8 -10.78 9.18 -5.62
N LEU F 9 -11.14 9.03 -6.89
CA LEU F 9 -11.79 10.11 -7.64
C LEU F 9 -13.17 10.41 -7.06
#